data_6WH5
#
_entry.id   6WH5
#
_cell.length_a   108.428
_cell.length_b   62.678
_cell.length_c   103.071
_cell.angle_alpha   90.000
_cell.angle_beta   119.040
_cell.angle_gamma   90.000
#
_symmetry.space_group_name_H-M   'C 1 2 1'
#
loop_
_entity.id
_entity.type
_entity.pdbx_description
1 polymer 'Corrinoid adenosyltransferase'
2 non-polymer 'POTASSIUM ION'
3 non-polymer 'MAGNESIUM ION'
4 non-polymer TRIPHOSPHATE
5 non-polymer COBALAMIN
6 water water
#
_entity_poly.entity_id   1
_entity_poly.type   'polypeptide(L)'
_entity_poly.pdbx_seq_one_letter_code
;GSHMAVHLTRIYTRTGDDGTTGLSDMSRVAKTDARLVAYADCDEANAAIGAALALGHPDTQITDVLRQIQNDLFDAGADL
STPIVENPKHPPLRIAQSYIDRLEGWCDAYNAGLPALKSFVLPGGSPLSALLHVARTVVRRAERSAWAAVDAHPEGVSVL
PAKYLNRLSDLLFILSRVANPDGDVLWRPGGDRTAS
;
_entity_poly.pdbx_strand_id   A,B,C
#
loop_
_chem_comp.id
_chem_comp.type
_chem_comp.name
_chem_comp.formula
3PO non-polymer TRIPHOSPHATE 'H5 O10 P3'
B12 non-polymer COBALAMIN 'C62 H89 Co N13 O14 P 2'
K non-polymer 'POTASSIUM ION' 'K 1'
MG non-polymer 'MAGNESIUM ION' 'Mg 2'
#
# COMPACT_ATOMS: atom_id res chain seq x y z
N VAL A 6 -23.04 -14.09 3.89
CA VAL A 6 -22.02 -13.39 4.69
C VAL A 6 -22.60 -12.97 6.03
N HIS A 7 -22.00 -13.45 7.12
CA HIS A 7 -22.41 -13.07 8.46
C HIS A 7 -21.19 -12.57 9.23
N LEU A 8 -21.21 -11.28 9.56
CA LEU A 8 -20.17 -10.67 10.39
C LEU A 8 -20.75 -10.46 11.78
N THR A 9 -20.29 -11.27 12.74
CA THR A 9 -20.82 -11.23 14.09
C THR A 9 -19.66 -10.98 15.07
N ARG A 10 -19.03 -12.03 15.58
CA ARG A 10 -17.94 -11.86 16.54
C ARG A 10 -16.63 -11.39 15.89
N ILE A 11 -16.49 -11.54 14.57
CA ILE A 11 -15.35 -11.10 13.77
C ILE A 11 -14.11 -11.98 13.96
N TYR A 12 -13.57 -12.07 15.17
CA TYR A 12 -12.39 -12.91 15.37
C TYR A 12 -12.81 -14.34 15.71
N THR A 13 -12.32 -15.30 14.92
CA THR A 13 -12.60 -16.72 15.13
C THR A 13 -11.37 -17.53 15.51
N ARG A 14 -10.17 -16.99 15.30
CA ARG A 14 -8.88 -17.64 15.58
C ARG A 14 -8.60 -18.82 14.67
N THR A 15 -9.46 -19.13 13.70
CA THR A 15 -9.18 -20.25 12.82
C THR A 15 -8.06 -19.96 11.82
N GLY A 16 -7.57 -18.71 11.77
CA GLY A 16 -6.43 -18.35 10.95
C GLY A 16 -5.12 -18.24 11.68
N ASP A 17 -5.08 -18.61 12.97
CA ASP A 17 -3.91 -18.46 13.80
C ASP A 17 -2.79 -19.44 13.47
N ASP A 18 -3.01 -20.39 12.56
CA ASP A 18 -1.96 -21.29 12.10
C ASP A 18 -1.43 -20.92 10.71
N GLY A 19 -1.79 -19.75 10.20
CA GLY A 19 -1.32 -19.31 8.90
C GLY A 19 -2.10 -19.83 7.72
N THR A 20 -3.27 -20.42 7.94
CA THR A 20 -4.15 -20.87 6.87
C THR A 20 -5.46 -20.11 6.95
N THR A 21 -6.19 -20.11 5.84
CA THR A 21 -7.50 -19.45 5.79
C THR A 21 -8.37 -20.22 4.80
N GLY A 22 -9.58 -19.73 4.61
CA GLY A 22 -10.59 -20.46 3.86
C GLY A 22 -11.04 -19.70 2.63
N LEU A 23 -11.15 -20.40 1.51
CA LEU A 23 -11.80 -19.84 0.33
C LEU A 23 -13.30 -19.86 0.56
N SER A 24 -14.06 -19.33 -0.41
N SER A 24 -14.05 -19.34 -0.42
CA SER A 24 -15.50 -19.28 -0.26
CA SER A 24 -15.50 -19.29 -0.29
C SER A 24 -16.14 -20.67 -0.24
C SER A 24 -16.10 -20.67 -0.19
N ASP A 25 -15.47 -21.68 -0.80
CA ASP A 25 -15.96 -23.05 -0.77
C ASP A 25 -15.49 -23.79 0.49
N MET A 26 -14.92 -23.08 1.46
N MET A 26 -14.92 -23.08 1.46
CA MET A 26 -14.44 -23.59 2.74
CA MET A 26 -14.43 -23.59 2.73
C MET A 26 -13.15 -24.38 2.62
C MET A 26 -13.18 -24.44 2.60
N SER A 27 -12.61 -24.57 1.41
CA SER A 27 -11.32 -25.25 1.27
C SER A 27 -10.22 -24.37 1.85
N ARG A 28 -9.17 -25.02 2.37
CA ARG A 28 -8.13 -24.33 3.13
C ARG A 28 -6.94 -24.01 2.24
N VAL A 29 -6.36 -22.82 2.45
CA VAL A 29 -5.21 -22.37 1.69
C VAL A 29 -4.24 -21.68 2.65
N ALA A 30 -2.97 -21.67 2.27
CA ALA A 30 -1.99 -20.87 3.00
C ALA A 30 -2.32 -19.38 2.89
N LYS A 31 -1.96 -18.62 3.92
CA LYS A 31 -2.23 -17.19 3.86
C LYS A 31 -1.28 -16.46 2.92
N THR A 32 -0.41 -17.18 2.23
CA THR A 32 0.38 -16.62 1.13
C THR A 32 -0.18 -17.03 -0.23
N ASP A 33 -1.31 -17.74 -0.25
CA ASP A 33 -1.87 -18.25 -1.50
C ASP A 33 -2.12 -17.12 -2.49
N ALA A 34 -1.80 -17.37 -3.77
CA ALA A 34 -1.94 -16.34 -4.79
C ALA A 34 -3.39 -15.85 -4.92
N ARG A 35 -4.37 -16.73 -4.70
CA ARG A 35 -5.76 -16.31 -4.78
C ARG A 35 -6.12 -15.38 -3.64
N LEU A 36 -5.72 -15.72 -2.41
CA LEU A 36 -6.00 -14.84 -1.29
C LEU A 36 -5.40 -13.46 -1.52
N VAL A 37 -4.15 -13.40 -1.98
CA VAL A 37 -3.49 -12.12 -2.21
C VAL A 37 -4.29 -11.28 -3.17
N ALA A 38 -4.87 -11.90 -4.20
CA ALA A 38 -5.62 -11.16 -5.20
C ALA A 38 -6.86 -10.50 -4.60
N TYR A 39 -7.70 -11.26 -3.91
CA TYR A 39 -8.90 -10.61 -3.38
C TYR A 39 -8.62 -9.79 -2.12
N ALA A 40 -7.53 -10.06 -1.40
CA ALA A 40 -7.11 -9.13 -0.36
C ALA A 40 -6.74 -7.78 -0.96
N ASP A 41 -6.04 -7.79 -2.10
CA ASP A 41 -5.67 -6.53 -2.75
C ASP A 41 -6.89 -5.80 -3.30
N CYS A 42 -7.92 -6.53 -3.75
CA CYS A 42 -9.19 -5.88 -4.08
C CYS A 42 -9.77 -5.18 -2.86
N ASP A 43 -9.68 -5.82 -1.70
CA ASP A 43 -10.09 -5.20 -0.45
C ASP A 43 -9.29 -3.94 -0.17
N GLU A 44 -7.97 -4.00 -0.39
CA GLU A 44 -7.13 -2.81 -0.17
C GLU A 44 -7.51 -1.70 -1.14
N ALA A 45 -7.79 -2.06 -2.40
CA ALA A 45 -8.25 -1.07 -3.37
C ALA A 45 -9.59 -0.48 -2.95
N ASN A 46 -10.51 -1.32 -2.46
CA ASN A 46 -11.81 -0.84 -2.02
C ASN A 46 -11.65 0.20 -0.90
N ALA A 47 -10.71 -0.04 0.02
CA ALA A 47 -10.48 0.91 1.10
C ALA A 47 -9.92 2.23 0.57
N ALA A 48 -9.06 2.17 -0.44
CA ALA A 48 -8.49 3.39 -1.02
C ALA A 48 -9.58 4.23 -1.66
N ILE A 49 -10.52 3.60 -2.36
CA ILE A 49 -11.65 4.34 -2.90
C ILE A 49 -12.46 4.94 -1.76
N GLY A 50 -12.64 4.17 -0.68
CA GLY A 50 -13.34 4.71 0.48
C GLY A 50 -12.71 5.99 1.00
N ALA A 51 -11.38 6.05 0.99
CA ALA A 51 -10.71 7.25 1.48
C ALA A 51 -10.98 8.44 0.56
N ALA A 52 -10.99 8.19 -0.74
CA ALA A 52 -11.31 9.23 -1.70
C ALA A 52 -12.73 9.75 -1.49
N LEU A 53 -13.67 8.85 -1.16
CA LEU A 53 -15.02 9.28 -0.89
C LEU A 53 -15.10 10.11 0.39
N ALA A 54 -14.43 9.67 1.45
CA ALA A 54 -14.63 10.28 2.77
C ALA A 54 -13.81 11.55 2.94
N LEU A 55 -12.62 11.62 2.35
CA LEU A 55 -11.76 12.78 2.46
C LEU A 55 -11.78 13.67 1.23
N GLY A 56 -12.26 13.17 0.09
CA GLY A 56 -12.24 13.95 -1.14
C GLY A 56 -13.51 14.72 -1.44
N HIS A 57 -14.62 14.32 -0.82
CA HIS A 57 -15.90 14.99 -0.96
C HIS A 57 -16.31 15.16 -2.43
N PRO A 58 -16.35 14.09 -3.20
CA PRO A 58 -16.80 14.19 -4.60
C PRO A 58 -18.25 14.61 -4.68
N ASP A 59 -18.61 15.19 -5.82
CA ASP A 59 -19.99 15.57 -6.08
C ASP A 59 -20.86 14.31 -6.19
N THR A 60 -22.17 14.52 -6.38
CA THR A 60 -23.11 13.40 -6.30
C THR A 60 -22.86 12.36 -7.39
N GLN A 61 -22.62 12.81 -8.63
CA GLN A 61 -22.51 11.85 -9.72
C GLN A 61 -21.25 11.00 -9.60
N ILE A 62 -20.12 11.63 -9.27
CA ILE A 62 -18.89 10.84 -9.10
C ILE A 62 -19.03 9.94 -7.88
N THR A 63 -19.67 10.44 -6.81
CA THR A 63 -19.93 9.59 -5.65
C THR A 63 -20.67 8.31 -6.08
N ASP A 64 -21.69 8.46 -6.93
CA ASP A 64 -22.48 7.30 -7.36
C ASP A 64 -21.62 6.34 -8.17
N VAL A 65 -20.72 6.85 -9.00
CA VAL A 65 -19.83 5.97 -9.77
C VAL A 65 -18.92 5.20 -8.84
N LEU A 66 -18.33 5.90 -7.86
CA LEU A 66 -17.37 5.26 -6.97
C LEU A 66 -18.05 4.22 -6.08
N ARG A 67 -19.27 4.49 -5.62
CA ARG A 67 -19.96 3.50 -4.80
C ARG A 67 -20.28 2.24 -5.61
N GLN A 68 -20.62 2.41 -6.89
CA GLN A 68 -20.84 1.25 -7.73
C GLN A 68 -19.54 0.46 -7.91
N ILE A 69 -18.42 1.15 -8.07
CA ILE A 69 -17.14 0.45 -8.21
C ILE A 69 -16.84 -0.34 -6.94
N GLN A 70 -17.05 0.27 -5.78
CA GLN A 70 -16.81 -0.44 -4.54
C GLN A 70 -17.63 -1.72 -4.47
N ASN A 71 -18.88 -1.65 -4.90
CA ASN A 71 -19.71 -2.85 -4.96
C ASN A 71 -19.14 -3.85 -5.96
N ASP A 72 -18.71 -3.37 -7.15
CA ASP A 72 -18.09 -4.25 -8.13
C ASP A 72 -16.88 -4.97 -7.54
N LEU A 73 -16.08 -4.28 -6.74
CA LEU A 73 -14.86 -4.88 -6.23
C LEU A 73 -15.15 -6.04 -5.28
N PHE A 74 -16.25 -6.01 -4.55
CA PHE A 74 -16.65 -7.17 -3.76
C PHE A 74 -17.15 -8.30 -4.67
N ASP A 75 -17.77 -7.96 -5.79
CA ASP A 75 -18.12 -8.97 -6.78
C ASP A 75 -16.87 -9.64 -7.33
N ALA A 76 -15.82 -8.86 -7.58
CA ALA A 76 -14.56 -9.42 -8.06
C ALA A 76 -13.88 -10.26 -6.97
N GLY A 77 -13.93 -9.80 -5.73
CA GLY A 77 -13.39 -10.61 -4.64
C GLY A 77 -14.16 -11.91 -4.45
N ALA A 78 -15.49 -11.86 -4.59
CA ALA A 78 -16.27 -13.08 -4.53
C ALA A 78 -15.86 -14.04 -5.63
N ASP A 79 -15.68 -13.51 -6.84
CA ASP A 79 -15.23 -14.31 -7.98
C ASP A 79 -13.88 -14.95 -7.68
N LEU A 80 -12.91 -14.14 -7.26
CA LEU A 80 -11.56 -14.66 -7.05
C LEU A 80 -11.48 -15.66 -5.91
N SER A 81 -12.39 -15.58 -4.93
CA SER A 81 -12.34 -16.46 -3.76
C SER A 81 -13.10 -17.76 -3.96
N THR A 82 -13.76 -17.92 -5.09
CA THR A 82 -14.61 -19.08 -5.37
C THR A 82 -13.98 -19.87 -6.50
N PRO A 83 -13.35 -21.01 -6.23
CA PRO A 83 -12.79 -21.82 -7.32
C PRO A 83 -13.85 -22.16 -8.36
N ILE A 84 -13.45 -22.09 -9.63
CA ILE A 84 -14.32 -22.48 -10.73
C ILE A 84 -14.36 -24.00 -10.82
N VAL A 85 -15.58 -24.55 -10.83
CA VAL A 85 -15.79 -25.98 -10.94
C VAL A 85 -16.80 -26.26 -12.05
N GLU A 86 -16.70 -27.45 -12.64
CA GLU A 86 -17.66 -27.89 -13.63
C GLU A 86 -19.00 -28.19 -12.97
N ASN A 87 -20.08 -27.63 -13.54
CA ASN A 87 -21.43 -27.91 -13.07
C ASN A 87 -21.56 -27.66 -11.58
N PRO A 88 -21.46 -26.41 -11.13
CA PRO A 88 -21.58 -26.13 -9.70
C PRO A 88 -22.99 -26.37 -9.21
N LYS A 89 -23.10 -26.65 -7.91
CA LYS A 89 -24.42 -26.84 -7.31
C LYS A 89 -25.26 -25.57 -7.42
N HIS A 90 -24.65 -24.41 -7.13
CA HIS A 90 -25.30 -23.12 -7.23
C HIS A 90 -24.52 -22.20 -8.16
N PRO A 91 -25.22 -21.39 -8.96
CA PRO A 91 -24.51 -20.44 -9.84
C PRO A 91 -23.65 -19.50 -9.01
N PRO A 92 -22.35 -19.45 -9.28
CA PRO A 92 -21.49 -18.50 -8.56
C PRO A 92 -21.61 -17.08 -9.11
N LEU A 93 -21.38 -16.13 -8.21
CA LEU A 93 -21.26 -14.73 -8.61
C LEU A 93 -19.94 -14.55 -9.36
N ARG A 94 -20.01 -14.10 -10.60
CA ARG A 94 -18.82 -13.89 -11.41
C ARG A 94 -18.86 -12.53 -12.09
N ILE A 95 -17.68 -11.92 -12.23
CA ILE A 95 -17.56 -10.75 -13.09
C ILE A 95 -17.90 -11.14 -14.51
N ALA A 96 -18.59 -10.25 -15.22
CA ALA A 96 -18.97 -10.46 -16.60
C ALA A 96 -18.50 -9.27 -17.43
N GLN A 97 -18.38 -9.51 -18.73
CA GLN A 97 -18.02 -8.44 -19.67
C GLN A 97 -18.87 -7.20 -19.43
N SER A 98 -20.15 -7.42 -19.11
CA SER A 98 -21.08 -6.42 -18.63
C SER A 98 -20.40 -5.35 -17.82
N TYR A 99 -19.63 -5.79 -16.83
CA TYR A 99 -18.99 -4.89 -15.89
C TYR A 99 -17.97 -4.00 -16.57
N ILE A 100 -17.19 -4.56 -17.50
CA ILE A 100 -16.11 -3.80 -18.12
C ILE A 100 -16.66 -2.85 -19.16
N ASP A 101 -17.71 -3.24 -19.87
CA ASP A 101 -18.38 -2.33 -20.77
C ASP A 101 -18.86 -1.09 -20.02
N ARG A 102 -19.34 -1.25 -18.80
CA ARG A 102 -19.76 -0.11 -18.00
C ARG A 102 -18.58 0.80 -17.67
N LEU A 103 -17.46 0.23 -17.24
CA LEU A 103 -16.29 1.06 -16.98
C LEU A 103 -15.88 1.83 -18.23
N GLU A 104 -15.94 1.17 -19.39
CA GLU A 104 -15.55 1.84 -20.63
C GLU A 104 -16.50 2.98 -20.97
N GLY A 105 -17.81 2.77 -20.77
CA GLY A 105 -18.75 3.86 -20.98
C GLY A 105 -18.44 5.05 -20.09
N TRP A 106 -18.03 4.79 -18.85
CA TRP A 106 -17.68 5.88 -17.94
C TRP A 106 -16.38 6.55 -18.37
N CYS A 107 -15.40 5.77 -18.80
CA CYS A 107 -14.16 6.34 -19.33
C CYS A 107 -14.47 7.33 -20.44
N ASP A 108 -15.26 6.92 -21.43
CA ASP A 108 -15.54 7.78 -22.57
C ASP A 108 -16.28 9.04 -22.15
N ALA A 109 -17.25 8.90 -21.26
CA ALA A 109 -18.06 10.06 -20.89
C ALA A 109 -17.23 11.09 -20.13
N TYR A 110 -16.41 10.64 -19.18
CA TYR A 110 -15.62 11.55 -18.36
C TYR A 110 -14.36 12.03 -19.05
N ASN A 111 -13.89 11.33 -20.08
CA ASN A 111 -12.72 11.76 -20.85
C ASN A 111 -13.11 12.71 -21.98
N ALA A 112 -14.40 12.80 -22.30
CA ALA A 112 -14.81 13.59 -23.46
C ALA A 112 -14.38 15.04 -23.34
N GLY A 113 -14.48 15.62 -22.15
CA GLY A 113 -14.20 17.02 -21.97
C GLY A 113 -12.77 17.37 -21.62
N LEU A 114 -11.83 16.44 -21.84
CA LEU A 114 -10.45 16.62 -21.41
C LEU A 114 -9.50 16.69 -22.61
N PRO A 115 -8.51 17.57 -22.58
CA PRO A 115 -7.51 17.59 -23.66
C PRO A 115 -6.47 16.50 -23.48
N ALA A 116 -5.89 16.09 -24.61
CA ALA A 116 -4.85 15.08 -24.56
C ALA A 116 -3.63 15.61 -23.81
N LEU A 117 -2.87 14.70 -23.22
CA LEU A 117 -1.67 15.03 -22.48
C LEU A 117 -0.44 14.55 -23.23
N LYS A 118 0.61 15.38 -23.23
CA LYS A 118 1.89 15.01 -23.82
C LYS A 118 2.96 14.67 -22.77
N SER A 119 2.54 14.42 -21.53
CA SER A 119 3.43 13.90 -20.50
C SER A 119 2.58 13.30 -19.38
N PHE A 120 3.25 12.70 -18.40
CA PHE A 120 2.55 12.16 -17.24
C PHE A 120 2.17 13.29 -16.27
N VAL A 121 1.20 12.98 -15.42
CA VAL A 121 0.69 13.91 -14.42
C VAL A 121 1.42 13.69 -13.11
N LEU A 122 1.91 14.77 -12.50
CA LEU A 122 2.40 14.69 -11.12
C LEU A 122 1.21 14.70 -10.17
N PRO A 123 0.91 13.59 -9.49
CA PRO A 123 -0.30 13.55 -8.66
C PRO A 123 -0.34 14.65 -7.61
N GLY A 124 -1.51 15.23 -7.43
CA GLY A 124 -1.68 16.31 -6.48
C GLY A 124 -2.93 17.11 -6.76
N GLY A 125 -2.91 18.35 -6.31
CA GLY A 125 -4.02 19.27 -6.54
C GLY A 125 -5.08 19.12 -5.49
N SER A 126 -6.31 18.88 -5.92
CA SER A 126 -7.41 18.72 -4.98
C SER A 126 -7.19 17.47 -4.14
N PRO A 127 -7.72 17.44 -2.91
CA PRO A 127 -7.70 16.18 -2.15
C PRO A 127 -8.30 15.02 -2.93
N LEU A 128 -9.41 15.26 -3.64
CA LEU A 128 -10.03 14.17 -4.39
C LEU A 128 -9.10 13.62 -5.46
N SER A 129 -8.49 14.51 -6.26
CA SER A 129 -7.58 14.06 -7.31
C SER A 129 -6.44 13.24 -6.73
N ALA A 130 -5.82 13.74 -5.65
CA ALA A 130 -4.72 13.02 -5.04
C ALA A 130 -5.15 11.64 -4.53
N LEU A 131 -6.32 11.57 -3.89
CA LEU A 131 -6.77 10.28 -3.36
C LEU A 131 -7.16 9.33 -4.49
N LEU A 132 -7.62 9.86 -5.62
CA LEU A 132 -7.93 9.01 -6.75
C LEU A 132 -6.67 8.44 -7.38
N HIS A 133 -5.57 9.20 -7.35
CA HIS A 133 -4.30 8.66 -7.81
C HIS A 133 -3.81 7.55 -6.89
N VAL A 134 -3.95 7.72 -5.57
CA VAL A 134 -3.60 6.64 -4.65
C VAL A 134 -4.42 5.40 -4.98
N ALA A 135 -5.74 5.57 -5.10
CA ALA A 135 -6.59 4.44 -5.46
C ALA A 135 -6.18 3.83 -6.80
N ARG A 136 -5.88 4.68 -7.78
CA ARG A 136 -5.44 4.20 -9.09
C ARG A 136 -4.26 3.25 -8.96
N THR A 137 -3.23 3.64 -8.19
CA THR A 137 -2.06 2.79 -8.09
C THR A 137 -2.34 1.55 -7.25
N VAL A 138 -3.24 1.62 -6.26
CA VAL A 138 -3.57 0.42 -5.51
C VAL A 138 -4.33 -0.56 -6.39
N VAL A 139 -5.25 -0.05 -7.21
CA VAL A 139 -5.96 -0.93 -8.14
C VAL A 139 -4.99 -1.63 -9.08
N ARG A 140 -3.98 -0.91 -9.57
CA ARG A 140 -3.01 -1.53 -10.47
C ARG A 140 -2.24 -2.62 -9.75
N ARG A 141 -1.94 -2.42 -8.47
CA ARG A 141 -1.30 -3.47 -7.69
C ARG A 141 -2.23 -4.68 -7.55
N ALA A 142 -3.52 -4.44 -7.37
CA ALA A 142 -4.46 -5.54 -7.27
C ALA A 142 -4.55 -6.29 -8.59
N GLU A 143 -4.46 -5.55 -9.71
CA GLU A 143 -4.49 -6.17 -11.03
C GLU A 143 -3.35 -7.15 -11.21
N ARG A 144 -2.14 -6.75 -10.80
CA ARG A 144 -0.99 -7.64 -10.94
C ARG A 144 -1.19 -8.90 -10.11
N SER A 145 -1.75 -8.76 -8.91
CA SER A 145 -2.02 -9.94 -8.10
C SER A 145 -3.09 -10.83 -8.73
N ALA A 146 -4.08 -10.24 -9.39
CA ALA A 146 -5.11 -11.04 -10.05
C ALA A 146 -4.53 -11.82 -11.22
N TRP A 147 -3.62 -11.21 -11.97
CA TRP A 147 -2.95 -11.95 -13.03
C TRP A 147 -2.08 -13.06 -12.46
N ALA A 148 -1.44 -12.82 -11.31
CA ALA A 148 -0.65 -13.88 -10.70
C ALA A 148 -1.52 -15.04 -10.26
N ALA A 149 -2.76 -14.75 -9.87
CA ALA A 149 -3.69 -15.81 -9.48
C ALA A 149 -4.11 -16.62 -10.69
N VAL A 150 -4.32 -15.96 -11.83
CA VAL A 150 -4.58 -16.68 -13.08
C VAL A 150 -3.43 -17.62 -13.41
N ASP A 151 -2.19 -17.14 -13.26
CA ASP A 151 -1.03 -17.96 -13.57
C ASP A 151 -0.99 -19.22 -12.72
N ALA A 152 -1.29 -19.09 -11.43
CA ALA A 152 -1.23 -20.22 -10.51
C ALA A 152 -2.40 -21.18 -10.69
N HIS A 153 -3.52 -20.72 -11.28
CA HIS A 153 -4.73 -21.53 -11.39
C HIS A 153 -5.43 -21.19 -12.69
N PRO A 154 -4.83 -21.55 -13.83
CA PRO A 154 -5.39 -21.16 -15.13
C PRO A 154 -6.78 -21.71 -15.41
N GLU A 155 -7.20 -22.78 -14.73
CA GLU A 155 -8.56 -23.28 -14.87
C GLU A 155 -9.49 -22.79 -13.77
N GLY A 156 -8.98 -22.62 -12.56
CA GLY A 156 -9.82 -22.31 -11.42
C GLY A 156 -10.10 -20.85 -11.17
N VAL A 157 -9.37 -19.94 -11.80
CA VAL A 157 -9.53 -18.51 -11.60
C VAL A 157 -9.89 -17.87 -12.94
N SER A 158 -10.86 -16.96 -12.91
CA SER A 158 -11.29 -16.26 -14.10
C SER A 158 -10.35 -15.10 -14.41
N VAL A 159 -10.24 -14.77 -15.71
CA VAL A 159 -9.47 -13.61 -16.13
C VAL A 159 -10.24 -12.31 -16.03
N LEU A 160 -11.56 -12.36 -15.89
CA LEU A 160 -12.37 -11.16 -15.98
C LEU A 160 -12.16 -10.25 -14.77
N PRO A 161 -11.89 -10.78 -13.58
CA PRO A 161 -11.53 -9.87 -12.48
C PRO A 161 -10.31 -9.02 -12.83
N ALA A 162 -9.26 -9.63 -13.38
CA ALA A 162 -8.08 -8.86 -13.75
C ALA A 162 -8.40 -7.85 -14.85
N LYS A 163 -9.18 -8.28 -15.85
CA LYS A 163 -9.60 -7.37 -16.91
C LYS A 163 -10.39 -6.19 -16.36
N TYR A 164 -11.31 -6.44 -15.42
CA TYR A 164 -12.03 -5.35 -14.78
C TYR A 164 -11.07 -4.39 -14.10
N LEU A 165 -10.12 -4.92 -13.31
CA LEU A 165 -9.16 -4.07 -12.62
C LEU A 165 -8.27 -3.31 -13.61
N ASN A 166 -7.93 -3.96 -14.73
CA ASN A 166 -7.16 -3.25 -15.76
C ASN A 166 -7.90 -2.00 -16.21
N ARG A 167 -9.15 -2.15 -16.65
CA ARG A 167 -9.91 -1.00 -17.12
C ARG A 167 -10.20 0.00 -16.00
N LEU A 168 -10.35 -0.48 -14.76
CA LEU A 168 -10.72 0.40 -13.66
C LEU A 168 -9.63 1.44 -13.38
N SER A 169 -8.37 1.05 -13.43
CA SER A 169 -7.33 2.04 -13.12
C SER A 169 -7.28 3.12 -14.19
N ASP A 170 -7.69 2.79 -15.42
CA ASP A 170 -7.81 3.81 -16.45
C ASP A 170 -8.91 4.81 -16.12
N LEU A 171 -10.05 4.31 -15.62
CA LEU A 171 -11.13 5.21 -15.22
C LEU A 171 -10.70 6.12 -14.07
N LEU A 172 -10.01 5.56 -13.08
CA LEU A 172 -9.58 6.37 -11.95
C LEU A 172 -8.61 7.46 -12.38
N PHE A 173 -7.76 7.19 -13.38
CA PHE A 173 -6.91 8.25 -13.90
C PHE A 173 -7.75 9.35 -14.52
N ILE A 174 -8.75 8.98 -15.32
CA ILE A 174 -9.61 9.98 -15.93
C ILE A 174 -10.30 10.82 -14.87
N LEU A 175 -10.87 10.16 -13.86
CA LEU A 175 -11.58 10.88 -12.81
C LEU A 175 -10.63 11.77 -12.01
N SER A 176 -9.38 11.34 -11.83
CA SER A 176 -8.41 12.17 -11.12
C SER A 176 -8.17 13.49 -11.87
N ARG A 177 -8.27 13.46 -13.21
CA ARG A 177 -8.16 14.68 -13.99
C ARG A 177 -9.42 15.54 -13.88
N VAL A 178 -10.59 14.91 -13.90
CA VAL A 178 -11.84 15.65 -13.73
C VAL A 178 -11.86 16.34 -12.38
N ALA A 179 -11.20 15.75 -11.38
CA ALA A 179 -11.15 16.31 -10.04
C ALA A 179 -10.13 17.43 -9.87
N ASN A 180 -9.33 17.74 -10.91
CA ASN A 180 -8.47 18.92 -10.94
C ASN A 180 -8.85 19.80 -12.11
N PRO A 181 -9.99 20.49 -12.03
CA PRO A 181 -10.44 21.29 -13.17
C PRO A 181 -9.48 22.39 -13.56
N ASP A 182 -8.64 22.85 -12.63
CA ASP A 182 -7.65 23.88 -12.94
C ASP A 182 -6.45 23.33 -13.69
N GLY A 183 -6.38 22.03 -13.92
CA GLY A 183 -5.31 21.41 -14.65
C GLY A 183 -4.30 20.75 -13.73
N ASP A 184 -3.52 19.85 -14.31
CA ASP A 184 -2.51 19.09 -13.58
C ASP A 184 -1.11 19.61 -13.90
N VAL A 185 -0.20 19.38 -12.96
CA VAL A 185 1.22 19.62 -13.19
C VAL A 185 1.81 18.40 -13.89
N LEU A 186 2.66 18.63 -14.88
CA LEU A 186 3.16 17.56 -15.73
C LEU A 186 4.63 17.29 -15.48
N TRP A 187 5.01 16.04 -15.77
CA TRP A 187 6.40 15.59 -15.68
C TRP A 187 7.24 16.30 -16.72
N ARG A 188 8.40 16.81 -16.28
CA ARG A 188 9.44 17.33 -17.18
C ARG A 188 10.61 16.37 -17.17
N PRO A 189 10.77 15.52 -18.19
CA PRO A 189 11.83 14.50 -18.13
C PRO A 189 13.20 15.11 -17.89
N GLY A 190 13.86 14.63 -16.83
CA GLY A 190 15.18 15.13 -16.48
C GLY A 190 15.23 16.58 -16.10
N GLY A 191 14.10 17.18 -15.75
CA GLY A 191 14.06 18.58 -15.35
C GLY A 191 13.50 18.81 -13.96
N VAL B 6 18.50 2.03 20.01
CA VAL B 6 18.12 2.74 18.79
C VAL B 6 18.56 4.18 18.86
N HIS B 7 19.44 4.58 17.93
CA HIS B 7 19.90 5.96 17.82
C HIS B 7 19.64 6.43 16.39
N LEU B 8 18.77 7.43 16.24
CA LEU B 8 18.50 8.06 14.95
C LEU B 8 19.23 9.40 14.95
N THR B 9 20.31 9.49 14.17
CA THR B 9 21.14 10.68 14.12
C THR B 9 21.22 11.22 12.68
N ARG B 10 22.22 10.78 11.92
CA ARG B 10 22.37 11.27 10.55
C ARG B 10 21.36 10.64 9.58
N ILE B 11 20.75 9.52 9.96
CA ILE B 11 19.71 8.83 9.20
C ILE B 11 20.30 8.09 8.00
N TYR B 12 20.90 8.80 7.06
CA TYR B 12 21.48 8.11 5.90
C TYR B 12 22.92 7.71 6.23
N THR B 13 23.20 6.41 6.10
CA THR B 13 24.51 5.84 6.34
C THR B 13 25.15 5.26 5.09
N ARG B 14 24.37 5.03 4.03
CA ARG B 14 24.76 4.46 2.75
C ARG B 14 25.16 2.99 2.83
N THR B 15 25.09 2.34 3.99
CA THR B 15 25.45 0.93 4.07
C THR B 15 24.43 0.01 3.40
N GLY B 16 23.29 0.52 2.96
CA GLY B 16 22.32 -0.26 2.23
C GLY B 16 22.35 -0.06 0.73
N ASP B 17 23.32 0.70 0.22
CA ASP B 17 23.37 1.05 -1.20
C ASP B 17 23.80 -0.12 -2.08
N ASP B 18 24.13 -1.28 -1.52
CA ASP B 18 24.45 -2.48 -2.30
C ASP B 18 23.32 -3.51 -2.30
N GLY B 19 22.13 -3.15 -1.81
CA GLY B 19 21.00 -4.05 -1.80
C GLY B 19 20.93 -5.00 -0.63
N THR B 20 21.73 -4.80 0.41
CA THR B 20 21.68 -5.58 1.62
C THR B 20 21.39 -4.65 2.80
N THR B 21 20.94 -5.24 3.91
CA THR B 21 20.65 -4.46 5.11
C THR B 21 20.89 -5.36 6.32
N GLY B 22 20.64 -4.82 7.50
CA GLY B 22 21.01 -5.48 8.74
C GLY B 22 19.82 -5.86 9.59
N LEU B 23 19.84 -7.08 10.12
CA LEU B 23 18.89 -7.47 11.15
C LEU B 23 19.32 -6.84 12.47
N SER B 24 18.53 -7.05 13.53
CA SER B 24 18.84 -6.42 14.80
C SER B 24 20.12 -6.98 15.41
N ASP B 25 20.48 -8.21 15.09
CA ASP B 25 21.73 -8.81 15.57
C ASP B 25 22.92 -8.43 14.69
N MET B 26 22.76 -7.50 13.76
N MET B 26 22.73 -7.51 13.76
CA MET B 26 23.76 -6.98 12.84
CA MET B 26 23.71 -6.96 12.82
C MET B 26 23.98 -7.88 11.63
C MET B 26 24.05 -7.92 11.69
N SER B 27 23.46 -9.11 11.63
CA SER B 27 23.68 -10.00 10.50
C SER B 27 23.04 -9.43 9.25
N ARG B 28 23.64 -9.73 8.10
CA ARG B 28 23.29 -9.08 6.84
C ARG B 28 22.30 -9.93 6.04
N VAL B 29 21.31 -9.27 5.45
CA VAL B 29 20.29 -9.93 4.64
C VAL B 29 20.09 -9.11 3.37
N ALA B 30 19.62 -9.80 2.34
CA ALA B 30 19.19 -9.10 1.14
C ALA B 30 17.97 -8.24 1.44
N LYS B 31 17.84 -7.13 0.70
CA LYS B 31 16.68 -6.28 0.92
C LYS B 31 15.39 -6.88 0.39
N THR B 32 15.42 -8.11 -0.12
CA THR B 32 14.22 -8.85 -0.44
C THR B 32 13.92 -9.94 0.58
N ASP B 33 14.71 -10.02 1.64
CA ASP B 33 14.56 -11.08 2.63
C ASP B 33 13.15 -11.07 3.22
N ALA B 34 12.59 -12.27 3.42
CA ALA B 34 11.22 -12.37 3.92
C ALA B 34 11.07 -11.70 5.27
N ARG B 35 12.10 -11.75 6.12
CA ARG B 35 11.99 -11.14 7.44
C ARG B 35 11.92 -9.62 7.35
N LEU B 36 12.79 -9.02 6.53
CA LEU B 36 12.72 -7.59 6.32
C LEU B 36 11.37 -7.17 5.77
N VAL B 37 10.84 -7.92 4.80
CA VAL B 37 9.53 -7.57 4.25
C VAL B 37 8.48 -7.52 5.34
N ALA B 38 8.54 -8.47 6.29
CA ALA B 38 7.53 -8.55 7.34
C ALA B 38 7.57 -7.33 8.27
N TYR B 39 8.75 -6.98 8.81
CA TYR B 39 8.74 -5.85 9.73
C TYR B 39 8.68 -4.51 8.99
N ALA B 40 9.10 -4.46 7.73
CA ALA B 40 8.81 -3.28 6.93
C ALA B 40 7.31 -3.09 6.75
N ASP B 41 6.56 -4.18 6.55
CA ASP B 41 5.12 -4.04 6.39
C ASP B 41 4.46 -3.64 7.72
N CYS B 42 5.02 -4.05 8.86
CA CYS B 42 4.56 -3.52 10.14
C CYS B 42 4.73 -2.02 10.20
N ASP B 43 5.86 -1.52 9.69
CA ASP B 43 6.11 -0.08 9.61
C ASP B 43 5.08 0.62 8.74
N GLU B 44 4.75 0.02 7.58
CA GLU B 44 3.74 0.61 6.70
C GLU B 44 2.38 0.63 7.40
N ALA B 45 2.05 -0.44 8.12
CA ALA B 45 0.80 -0.48 8.88
C ALA B 45 0.81 0.59 9.97
N ASN B 46 1.97 0.76 10.64
CA ASN B 46 2.10 1.79 11.67
C ASN B 46 1.82 3.16 11.09
N ALA B 47 2.30 3.43 9.88
CA ALA B 47 2.04 4.72 9.23
C ALA B 47 0.57 4.88 8.88
N ALA B 48 -0.09 3.80 8.45
CA ALA B 48 -1.51 3.89 8.12
C ALA B 48 -2.32 4.24 9.35
N ILE B 49 -2.01 3.63 10.50
CA ILE B 49 -2.66 4.03 11.74
C ILE B 49 -2.36 5.49 12.03
N GLY B 50 -1.12 5.92 11.80
CA GLY B 50 -0.78 7.31 12.02
C GLY B 50 -1.67 8.26 11.24
N ALA B 51 -1.99 7.89 10.00
CA ALA B 51 -2.86 8.74 9.18
C ALA B 51 -4.27 8.78 9.75
N ALA B 52 -4.76 7.65 10.24
CA ALA B 52 -6.07 7.65 10.87
C ALA B 52 -6.09 8.58 12.07
N LEU B 53 -4.98 8.61 12.82
CA LEU B 53 -4.91 9.49 13.99
C LEU B 53 -4.90 10.95 13.57
N ALA B 54 -4.10 11.30 12.56
CA ALA B 54 -3.86 12.70 12.23
C ALA B 54 -4.97 13.29 11.37
N LEU B 55 -5.58 12.49 10.50
CA LEU B 55 -6.63 12.99 9.63
C LEU B 55 -8.03 12.60 10.08
N GLY B 56 -8.17 11.57 10.93
CA GLY B 56 -9.48 11.12 11.36
C GLY B 56 -9.93 11.70 12.69
N HIS B 57 -8.99 12.19 13.49
CA HIS B 57 -9.29 12.85 14.75
C HIS B 57 -10.16 11.99 15.67
N PRO B 58 -9.71 10.79 16.01
CA PRO B 58 -10.48 9.94 16.92
C PRO B 58 -10.57 10.56 18.30
N ASP B 59 -11.61 10.16 19.04
CA ASP B 59 -11.76 10.59 20.41
C ASP B 59 -10.64 10.00 21.28
N THR B 60 -10.60 10.45 22.54
N THR B 60 -10.59 10.47 22.53
CA THR B 60 -9.45 10.13 23.39
CA THR B 60 -9.45 10.14 23.39
C THR B 60 -9.31 8.64 23.63
C THR B 60 -9.31 8.64 23.61
N GLN B 61 -10.41 7.94 23.87
CA GLN B 61 -10.31 6.52 24.16
C GLN B 61 -9.80 5.74 22.95
N ILE B 62 -10.32 6.04 21.76
CA ILE B 62 -9.83 5.37 20.57
C ILE B 62 -8.40 5.78 20.26
N THR B 63 -8.07 7.06 20.47
CA THR B 63 -6.68 7.49 20.32
C THR B 63 -5.76 6.64 21.20
N ASP B 64 -6.16 6.42 22.45
CA ASP B 64 -5.31 5.68 23.38
C ASP B 64 -5.12 4.23 22.93
N VAL B 65 -6.17 3.63 22.38
CA VAL B 65 -6.05 2.26 21.87
C VAL B 65 -5.09 2.23 20.68
N LEU B 66 -5.26 3.16 19.75
CA LEU B 66 -4.43 3.15 18.55
C LEU B 66 -2.97 3.45 18.87
N ARG B 67 -2.71 4.37 19.81
CA ARG B 67 -1.33 4.65 20.17
C ARG B 67 -0.67 3.43 20.79
N GLN B 68 -1.41 2.65 21.58
CA GLN B 68 -0.86 1.41 22.12
C GLN B 68 -0.56 0.41 21.01
N ILE B 69 -1.45 0.32 20.01
CA ILE B 69 -1.20 -0.58 18.90
C ILE B 69 0.07 -0.17 18.15
N GLN B 70 0.23 1.14 17.91
CA GLN B 70 1.44 1.60 17.24
C GLN B 70 2.68 1.17 18.01
N ASN B 71 2.63 1.28 19.33
CA ASN B 71 3.74 0.81 20.15
C ASN B 71 3.92 -0.70 20.03
N ASP B 72 2.81 -1.45 20.06
CA ASP B 72 2.87 -2.90 19.86
C ASP B 72 3.53 -3.25 18.53
N LEU B 73 3.23 -2.47 17.47
CA LEU B 73 3.76 -2.83 16.16
C LEU B 73 5.27 -2.71 16.12
N PHE B 74 5.85 -1.77 16.86
CA PHE B 74 7.31 -1.71 16.97
C PHE B 74 7.84 -2.86 17.81
N ASP B 75 7.08 -3.32 18.81
CA ASP B 75 7.47 -4.54 19.51
C ASP B 75 7.47 -5.73 18.55
N ALA B 76 6.47 -5.81 17.66
CA ALA B 76 6.43 -6.89 16.69
C ALA B 76 7.57 -6.79 15.68
N GLY B 77 7.90 -5.56 15.26
CA GLY B 77 9.04 -5.39 14.39
C GLY B 77 10.34 -5.75 15.07
N ALA B 78 10.48 -5.43 16.36
CA ALA B 78 11.66 -5.86 17.10
C ALA B 78 11.76 -7.38 17.12
N ASP B 79 10.63 -8.04 17.34
CA ASP B 79 10.58 -9.50 17.34
C ASP B 79 11.00 -10.08 16.00
N LEU B 80 10.38 -9.59 14.92
CA LEU B 80 10.62 -10.14 13.60
C LEU B 80 12.04 -9.89 13.11
N SER B 81 12.67 -8.80 13.55
CA SER B 81 14.00 -8.44 13.11
C SER B 81 15.10 -9.08 13.95
N THR B 82 14.74 -9.80 15.00
CA THR B 82 15.71 -10.39 15.92
C THR B 82 15.63 -11.90 15.82
N PRO B 83 16.60 -12.57 15.19
CA PRO B 83 16.55 -14.03 15.12
C PRO B 83 16.42 -14.67 16.49
N ILE B 84 15.61 -15.71 16.56
CA ILE B 84 15.50 -16.50 17.78
C ILE B 84 16.73 -17.38 17.89
N VAL B 85 17.41 -17.30 19.04
CA VAL B 85 18.60 -18.11 19.28
C VAL B 85 18.45 -18.82 20.62
N GLU B 86 19.11 -19.96 20.74
CA GLU B 86 19.15 -20.68 21.99
C GLU B 86 20.01 -19.94 22.99
N ASN B 87 19.46 -19.72 24.19
CA ASN B 87 20.17 -19.10 25.30
C ASN B 87 20.83 -17.79 24.89
N PRO B 88 20.05 -16.75 24.59
CA PRO B 88 20.67 -15.47 24.20
C PRO B 88 21.32 -14.79 25.38
N LYS B 89 22.32 -13.96 25.07
CA LYS B 89 23.02 -13.21 26.12
C LYS B 89 22.06 -12.27 26.83
N HIS B 90 21.20 -11.59 26.08
CA HIS B 90 20.20 -10.80 26.74
C HIS B 90 18.84 -11.13 26.22
N PRO B 91 17.83 -11.08 27.10
CA PRO B 91 16.47 -11.42 26.73
C PRO B 91 15.97 -10.52 25.62
N PRO B 92 15.57 -11.06 24.48
CA PRO B 92 15.01 -10.21 23.43
C PRO B 92 13.57 -9.81 23.69
N LEU B 93 13.19 -8.67 23.15
CA LEU B 93 11.80 -8.25 23.17
C LEU B 93 11.01 -9.14 22.24
N ARG B 94 9.98 -9.82 22.75
CA ARG B 94 9.15 -10.69 21.94
C ARG B 94 7.68 -10.41 22.22
N ILE B 95 6.86 -10.52 21.17
CA ILE B 95 5.42 -10.52 21.34
C ILE B 95 5.02 -11.70 22.20
N ALA B 96 4.05 -11.47 23.06
CA ALA B 96 3.53 -12.50 23.95
C ALA B 96 2.02 -12.61 23.77
N GLN B 97 1.49 -13.77 24.16
CA GLN B 97 0.04 -13.98 24.14
C GLN B 97 -0.66 -12.82 24.83
N SER B 98 -0.04 -12.30 25.90
CA SER B 98 -0.51 -11.09 26.57
C SER B 98 -1.07 -10.08 25.59
N TYR B 99 -0.30 -9.81 24.52
CA TYR B 99 -0.70 -8.79 23.56
C TYR B 99 -1.99 -9.15 22.86
N ILE B 100 -2.17 -10.43 22.53
CA ILE B 100 -3.32 -10.83 21.74
C ILE B 100 -4.57 -10.84 22.60
N ASP B 101 -4.44 -11.23 23.86
CA ASP B 101 -5.56 -11.14 24.81
C ASP B 101 -6.06 -9.70 24.93
N ARG B 102 -5.14 -8.72 24.92
CA ARG B 102 -5.57 -7.33 25.01
C ARG B 102 -6.39 -6.93 23.80
N LEU B 103 -5.92 -7.29 22.60
CA LEU B 103 -6.67 -6.99 21.40
C LEU B 103 -8.07 -7.62 21.45
N GLU B 104 -8.15 -8.86 21.95
CA GLU B 104 -9.45 -9.52 22.02
C GLU B 104 -10.36 -8.82 23.02
N GLY B 105 -9.82 -8.38 24.15
CA GLY B 105 -10.62 -7.62 25.09
C GLY B 105 -11.18 -6.36 24.46
N TRP B 106 -10.38 -5.69 23.64
CA TRP B 106 -10.87 -4.51 22.96
C TRP B 106 -11.90 -4.86 21.90
N CYS B 107 -11.68 -5.95 21.16
CA CYS B 107 -12.68 -6.41 20.20
C CYS B 107 -14.04 -6.57 20.87
N ASP B 108 -14.09 -7.30 21.97
CA ASP B 108 -15.35 -7.55 22.64
C ASP B 108 -15.96 -6.25 23.15
N ALA B 109 -15.14 -5.36 23.69
CA ALA B 109 -15.69 -4.14 24.30
C ALA B 109 -16.31 -3.23 23.25
N TYR B 110 -15.62 -3.04 22.11
CA TYR B 110 -16.11 -2.13 21.09
C TYR B 110 -17.14 -2.77 20.17
N ASN B 111 -17.20 -4.10 20.13
CA ASN B 111 -18.20 -4.80 19.34
C ASN B 111 -19.51 -4.97 20.11
N ALA B 112 -19.49 -4.77 21.43
CA ALA B 112 -20.66 -5.05 22.25
C ALA B 112 -21.86 -4.21 21.79
N GLY B 113 -21.63 -2.97 21.39
CA GLY B 113 -22.73 -2.10 21.03
C GLY B 113 -23.13 -2.16 19.56
N LEU B 114 -22.70 -3.18 18.84
CA LEU B 114 -22.90 -3.23 17.39
C LEU B 114 -23.82 -4.36 16.97
N PRO B 115 -24.72 -4.12 16.00
CA PRO B 115 -25.52 -5.22 15.47
C PRO B 115 -24.75 -6.04 14.45
N ALA B 116 -25.13 -7.31 14.34
CA ALA B 116 -24.49 -8.18 13.36
C ALA B 116 -24.76 -7.66 11.96
N LEU B 117 -23.86 -7.97 11.03
CA LEU B 117 -23.99 -7.58 9.64
C LEU B 117 -24.27 -8.81 8.79
N LYS B 118 -25.16 -8.66 7.82
CA LYS B 118 -25.48 -9.72 6.88
C LYS B 118 -24.84 -9.49 5.50
N SER B 119 -23.87 -8.58 5.41
CA SER B 119 -23.07 -8.41 4.20
C SER B 119 -21.80 -7.65 4.57
N PHE B 120 -20.92 -7.48 3.58
CA PHE B 120 -19.71 -6.71 3.80
C PHE B 120 -20.01 -5.21 3.77
N VAL B 121 -19.10 -4.45 4.37
CA VAL B 121 -19.20 -3.00 4.45
C VAL B 121 -18.43 -2.39 3.28
N LEU B 122 -19.05 -1.44 2.59
CA LEU B 122 -18.33 -0.62 1.63
C LEU B 122 -17.57 0.47 2.40
N PRO B 123 -16.25 0.41 2.46
CA PRO B 123 -15.52 1.38 3.31
C PRO B 123 -15.82 2.82 2.90
N GLY B 124 -15.98 3.67 3.91
CA GLY B 124 -16.30 5.07 3.66
C GLY B 124 -16.90 5.72 4.91
N GLY B 125 -17.66 6.75 4.67
CA GLY B 125 -18.33 7.48 5.74
C GLY B 125 -17.42 8.54 6.34
N SER B 126 -17.20 8.47 7.65
CA SER B 126 -16.34 9.43 8.30
C SER B 126 -14.90 9.28 7.80
N PRO B 127 -14.13 10.35 7.78
CA PRO B 127 -12.69 10.20 7.50
C PRO B 127 -12.05 9.13 8.38
N LEU B 128 -12.39 9.11 9.67
CA LEU B 128 -11.80 8.13 10.57
C LEU B 128 -12.13 6.70 10.14
N SER B 129 -13.40 6.42 9.86
CA SER B 129 -13.78 5.08 9.42
C SER B 129 -13.03 4.68 8.16
N ALA B 130 -12.98 5.59 7.19
CA ALA B 130 -12.29 5.28 5.94
C ALA B 130 -10.82 4.98 6.19
N LEU B 131 -10.17 5.76 7.05
CA LEU B 131 -8.75 5.54 7.29
C LEU B 131 -8.51 4.28 8.12
N LEU B 132 -9.45 3.90 8.99
CA LEU B 132 -9.26 2.66 9.71
C LEU B 132 -9.40 1.46 8.78
N HIS B 133 -10.24 1.58 7.75
CA HIS B 133 -10.31 0.52 6.75
C HIS B 133 -9.00 0.42 5.98
N VAL B 134 -8.40 1.56 5.63
CA VAL B 134 -7.09 1.51 4.97
C VAL B 134 -6.09 0.79 5.88
N ALA B 135 -6.04 1.19 7.14
CA ALA B 135 -5.13 0.54 8.09
C ALA B 135 -5.42 -0.94 8.19
N ARG B 136 -6.71 -1.30 8.27
CA ARG B 136 -7.10 -2.70 8.33
C ARG B 136 -6.49 -3.51 7.19
N THR B 137 -6.60 -3.00 5.96
CA THR B 137 -6.12 -3.78 4.82
C THR B 137 -4.59 -3.83 4.77
N VAL B 138 -3.92 -2.77 5.23
CA VAL B 138 -2.46 -2.80 5.28
C VAL B 138 -1.99 -3.76 6.36
N VAL B 139 -2.65 -3.77 7.51
CA VAL B 139 -2.32 -4.74 8.56
C VAL B 139 -2.48 -6.16 8.02
N ARG B 140 -3.53 -6.40 7.25
CA ARG B 140 -3.73 -7.73 6.71
C ARG B 140 -2.62 -8.08 5.74
N ARG B 141 -2.13 -7.10 4.97
CA ARG B 141 -0.99 -7.36 4.11
C ARG B 141 0.25 -7.68 4.93
N ALA B 142 0.43 -6.97 6.05
CA ALA B 142 1.57 -7.25 6.92
C ALA B 142 1.48 -8.65 7.52
N GLU B 143 0.26 -9.09 7.86
CA GLU B 143 0.09 -10.44 8.40
C GLU B 143 0.57 -11.48 7.41
N ARG B 144 0.20 -11.33 6.14
CA ARG B 144 0.61 -12.31 5.15
C ARG B 144 2.12 -12.37 5.06
N SER B 145 2.79 -11.21 5.12
CA SER B 145 4.25 -11.19 5.07
C SER B 145 4.86 -11.82 6.31
N ALA B 146 4.21 -11.67 7.46
CA ALA B 146 4.71 -12.30 8.68
C ALA B 146 4.60 -13.82 8.62
N TRP B 147 3.51 -14.35 8.05
CA TRP B 147 3.43 -15.79 7.85
C TRP B 147 4.48 -16.26 6.85
N ALA B 148 4.77 -15.45 5.82
CA ALA B 148 5.80 -15.82 4.87
C ALA B 148 7.18 -15.88 5.54
N ALA B 149 7.41 -15.02 6.52
CA ALA B 149 8.68 -15.06 7.24
C ALA B 149 8.75 -16.33 8.10
N VAL B 150 7.64 -16.70 8.72
CA VAL B 150 7.60 -17.96 9.47
C VAL B 150 7.93 -19.14 8.57
N ASP B 151 7.37 -19.17 7.36
CA ASP B 151 7.64 -20.26 6.43
C ASP B 151 9.12 -20.37 6.12
N ALA B 152 9.78 -19.22 5.90
CA ALA B 152 11.18 -19.22 5.53
C ALA B 152 12.09 -19.55 6.71
N HIS B 153 11.61 -19.38 7.93
CA HIS B 153 12.44 -19.55 9.13
C HIS B 153 11.59 -20.13 10.25
N PRO B 154 11.16 -21.38 10.12
CA PRO B 154 10.25 -21.95 11.13
C PRO B 154 10.83 -22.02 12.53
N GLU B 155 12.17 -22.00 12.68
CA GLU B 155 12.79 -21.96 14.00
C GLU B 155 13.19 -20.57 14.43
N GLY B 156 13.60 -19.71 13.50
CA GLY B 156 14.14 -18.42 13.83
C GLY B 156 13.17 -17.28 13.96
N VAL B 157 11.93 -17.47 13.50
CA VAL B 157 10.90 -16.44 13.54
C VAL B 157 9.72 -16.96 14.35
N SER B 158 9.19 -16.11 15.22
CA SER B 158 8.04 -16.47 16.05
C SER B 158 6.75 -16.33 15.26
N VAL B 159 5.76 -17.15 15.64
CA VAL B 159 4.43 -17.05 15.05
C VAL B 159 3.58 -15.99 15.73
N LEU B 160 3.99 -15.48 16.89
CA LEU B 160 3.12 -14.60 17.65
C LEU B 160 2.95 -13.25 16.95
N PRO B 161 3.98 -12.71 16.29
CA PRO B 161 3.73 -11.47 15.51
C PRO B 161 2.62 -11.66 14.48
N ALA B 162 2.65 -12.76 13.73
CA ALA B 162 1.58 -13.00 12.76
C ALA B 162 0.24 -13.13 13.44
N LYS B 163 0.19 -13.86 14.57
CA LYS B 163 -1.05 -13.97 15.33
C LYS B 163 -1.54 -12.62 15.82
N TYR B 164 -0.64 -11.79 16.34
CA TYR B 164 -1.03 -10.44 16.76
C TYR B 164 -1.67 -9.67 15.60
N LEU B 165 -1.00 -9.66 14.43
CA LEU B 165 -1.53 -8.95 13.28
C LEU B 165 -2.86 -9.52 12.81
N ASN B 166 -3.04 -10.84 12.95
CA ASN B 166 -4.33 -11.44 12.61
C ASN B 166 -5.45 -10.82 13.43
N ARG B 167 -5.31 -10.84 14.77
CA ARG B 167 -6.36 -10.27 15.61
C ARG B 167 -6.49 -8.76 15.41
N LEU B 168 -5.39 -8.07 15.08
CA LEU B 168 -5.44 -6.61 15.00
C LEU B 168 -6.35 -6.15 13.86
N SER B 169 -6.33 -6.83 12.72
CA SER B 169 -7.17 -6.35 11.62
C SER B 169 -8.65 -6.54 11.94
N ASP B 170 -8.99 -7.52 12.76
CA ASP B 170 -10.36 -7.66 13.24
C ASP B 170 -10.75 -6.48 14.13
N LEU B 171 -9.85 -6.06 15.02
CA LEU B 171 -10.14 -4.90 15.86
C LEU B 171 -10.33 -3.65 15.02
N LEU B 172 -9.48 -3.45 14.01
CA LEU B 172 -9.61 -2.27 13.18
C LEU B 172 -10.94 -2.26 12.42
N PHE B 173 -11.43 -3.43 12.04
CA PHE B 173 -12.75 -3.48 11.42
C PHE B 173 -13.83 -3.04 12.40
N ILE B 174 -13.76 -3.57 13.62
CA ILE B 174 -14.72 -3.17 14.64
C ILE B 174 -14.67 -1.67 14.87
N LEU B 175 -13.46 -1.12 15.03
CA LEU B 175 -13.32 0.31 15.26
C LEU B 175 -13.81 1.13 14.07
N SER B 176 -13.65 0.62 12.84
CA SER B 176 -14.15 1.36 11.69
C SER B 176 -15.67 1.50 11.76
N ARG B 177 -16.35 0.52 12.34
CA ARG B 177 -17.80 0.60 12.51
C ARG B 177 -18.19 1.57 13.61
N VAL B 178 -17.46 1.56 14.73
CA VAL B 178 -17.72 2.51 15.80
C VAL B 178 -17.55 3.94 15.30
N ALA B 179 -16.68 4.15 14.31
CA ALA B 179 -16.42 5.47 13.76
C ALA B 179 -17.46 5.92 12.75
N ASN B 180 -18.43 5.07 12.41
CA ASN B 180 -19.59 5.44 11.58
C ASN B 180 -20.88 5.21 12.38
N PRO B 181 -21.16 6.08 13.35
CA PRO B 181 -22.37 5.85 14.18
C PRO B 181 -23.67 5.88 13.39
N ASP B 182 -23.72 6.55 12.24
CA ASP B 182 -24.93 6.55 11.42
C ASP B 182 -25.11 5.27 10.61
N GLY B 183 -24.17 4.34 10.68
CA GLY B 183 -24.27 3.09 9.97
C GLY B 183 -23.43 3.08 8.71
N ASP B 184 -23.18 1.87 8.20
CA ASP B 184 -22.35 1.68 7.01
C ASP B 184 -23.23 1.29 5.83
N VAL B 185 -22.73 1.59 4.63
CA VAL B 185 -23.32 1.08 3.41
C VAL B 185 -22.79 -0.32 3.15
N LEU B 186 -23.67 -1.24 2.78
CA LEU B 186 -23.29 -2.64 2.67
C LEU B 186 -23.29 -3.09 1.22
N TRP B 187 -22.51 -4.12 0.97
CA TRP B 187 -22.41 -4.74 -0.35
C TRP B 187 -23.71 -5.42 -0.73
N ARG B 188 -24.16 -5.18 -1.96
CA ARG B 188 -25.29 -5.88 -2.56
C ARG B 188 -24.72 -6.81 -3.63
N PRO B 189 -24.57 -8.11 -3.38
CA PRO B 189 -23.91 -8.97 -4.36
C PRO B 189 -24.57 -8.90 -5.73
N GLY B 190 -23.78 -8.54 -6.73
CA GLY B 190 -24.28 -8.41 -8.09
C GLY B 190 -25.28 -7.29 -8.29
N GLY B 191 -25.35 -6.33 -7.38
CA GLY B 191 -26.27 -5.22 -7.50
C GLY B 191 -25.58 -3.86 -7.48
N VAL C 6 5.51 10.44 -24.62
CA VAL C 6 4.34 10.00 -23.87
C VAL C 6 3.09 10.71 -24.38
N HIS C 7 2.12 9.94 -24.87
CA HIS C 7 0.84 10.47 -25.34
C HIS C 7 -0.27 9.79 -24.57
N LEU C 8 -1.00 10.56 -23.77
CA LEU C 8 -2.17 10.07 -23.04
C LEU C 8 -3.42 10.62 -23.72
N THR C 9 -4.14 9.75 -24.41
CA THR C 9 -5.33 10.15 -25.16
C THR C 9 -6.56 9.36 -24.70
N ARG C 10 -6.81 8.22 -25.33
CA ARG C 10 -7.96 7.41 -24.96
C ARG C 10 -7.76 6.67 -23.65
N ILE C 11 -6.50 6.51 -23.20
CA ILE C 11 -6.16 5.90 -21.92
C ILE C 11 -6.32 4.39 -21.97
N TYR C 12 -7.52 3.87 -22.21
CA TYR C 12 -7.70 2.42 -22.27
C TYR C 12 -7.46 1.95 -23.70
N THR C 13 -6.53 1.01 -23.85
CA THR C 13 -6.20 0.44 -25.17
C THR C 13 -6.54 -1.04 -25.30
N ARG C 14 -6.77 -1.73 -24.18
CA ARG C 14 -7.11 -3.15 -24.07
C ARG C 14 -5.95 -4.09 -24.43
N THR C 15 -4.77 -3.57 -24.78
CA THR C 15 -3.65 -4.43 -25.12
C THR C 15 -3.04 -5.13 -23.90
N GLY C 16 -3.46 -4.77 -22.70
CA GLY C 16 -3.02 -5.43 -21.48
C GLY C 16 -4.00 -6.46 -20.95
N ASP C 17 -5.08 -6.75 -21.69
CA ASP C 17 -6.14 -7.63 -21.24
C ASP C 17 -5.75 -9.10 -21.26
N ASP C 18 -4.57 -9.46 -21.75
CA ASP C 18 -4.08 -10.84 -21.70
C ASP C 18 -3.01 -11.05 -20.63
N GLY C 19 -2.84 -10.08 -19.73
CA GLY C 19 -1.86 -10.23 -18.66
C GLY C 19 -0.45 -9.86 -19.02
N THR C 20 -0.22 -9.24 -20.18
CA THR C 20 1.08 -8.75 -20.58
C THR C 20 1.02 -7.24 -20.74
N THR C 21 2.19 -6.61 -20.72
CA THR C 21 2.31 -5.17 -20.93
C THR C 21 3.64 -4.87 -21.61
N GLY C 22 3.90 -3.60 -21.84
CA GLY C 22 5.03 -3.17 -22.64
C GLY C 22 6.03 -2.36 -21.83
N LEU C 23 7.31 -2.64 -22.03
CA LEU C 23 8.38 -1.80 -21.54
C LEU C 23 8.50 -0.57 -22.44
N SER C 24 9.42 0.33 -22.11
CA SER C 24 9.57 1.54 -22.90
C SER C 24 10.05 1.24 -24.31
N ASP C 25 10.85 0.19 -24.50
CA ASP C 25 11.31 -0.21 -25.82
C ASP C 25 10.26 -1.02 -26.59
N MET C 26 9.04 -1.11 -26.09
N MET C 26 9.04 -1.11 -26.08
CA MET C 26 7.90 -1.79 -26.70
CA MET C 26 7.88 -1.79 -26.66
C MET C 26 7.96 -3.30 -26.52
C MET C 26 7.96 -3.30 -26.52
N SER C 27 9.04 -3.86 -25.97
CA SER C 27 9.11 -5.29 -25.74
C SER C 27 8.10 -5.70 -24.68
N ARG C 28 7.61 -6.93 -24.78
CA ARG C 28 6.48 -7.40 -23.99
C ARG C 28 6.96 -8.17 -22.75
N VAL C 29 6.28 -7.92 -21.63
CA VAL C 29 6.61 -8.57 -20.37
C VAL C 29 5.31 -9.00 -19.70
N ALA C 30 5.40 -10.01 -18.85
CA ALA C 30 4.28 -10.38 -18.02
C ALA C 30 3.96 -9.28 -17.02
N LYS C 31 2.69 -9.18 -16.65
CA LYS C 31 2.29 -8.15 -15.68
C LYS C 31 2.74 -8.48 -14.27
N THR C 32 3.47 -9.57 -14.07
CA THR C 32 4.15 -9.84 -12.81
C THR C 32 5.66 -9.59 -12.90
N ASP C 33 6.14 -9.10 -14.03
CA ASP C 33 7.58 -8.91 -14.23
C ASP C 33 8.17 -7.98 -13.16
N ALA C 34 9.36 -8.34 -12.69
CA ALA C 34 10.02 -7.58 -11.62
C ALA C 34 10.27 -6.13 -12.01
N ARG C 35 10.55 -5.86 -13.28
CA ARG C 35 10.79 -4.48 -13.69
C ARG C 35 9.52 -3.65 -13.60
N LEU C 36 8.40 -4.21 -14.09
CA LEU C 36 7.13 -3.52 -13.97
C LEU C 36 6.77 -3.25 -12.52
N VAL C 37 6.95 -4.25 -11.66
CA VAL C 37 6.63 -4.06 -10.24
C VAL C 37 7.42 -2.89 -9.68
N ALA C 38 8.69 -2.77 -10.09
CA ALA C 38 9.53 -1.69 -9.58
C ALA C 38 9.01 -0.32 -10.00
N TYR C 39 8.78 -0.10 -11.29
CA TYR C 39 8.34 1.25 -11.63
C TYR C 39 6.85 1.49 -11.33
N ALA C 40 6.05 0.44 -11.24
CA ALA C 40 4.70 0.62 -10.70
C ALA C 40 4.74 1.08 -9.25
N ASP C 41 5.67 0.55 -8.45
CA ASP C 41 5.79 0.98 -7.07
C ASP C 41 6.31 2.40 -6.96
N CYS C 42 7.16 2.84 -7.90
CA CYS C 42 7.52 4.25 -7.97
C CYS C 42 6.28 5.11 -8.18
N ASP C 43 5.38 4.65 -9.05
CA ASP C 43 4.12 5.32 -9.29
C ASP C 43 3.29 5.38 -8.02
N GLU C 44 3.22 4.27 -7.27
CA GLU C 44 2.48 4.29 -6.01
C GLU C 44 3.11 5.26 -5.03
N ALA C 45 4.45 5.28 -4.97
CA ALA C 45 5.13 6.23 -4.11
C ALA C 45 4.84 7.66 -4.54
N ASN C 46 4.85 7.91 -5.85
CA ASN C 46 4.53 9.24 -6.35
C ASN C 46 3.14 9.69 -5.91
N ALA C 47 2.17 8.76 -5.92
CA ALA C 47 0.82 9.10 -5.48
C ALA C 47 0.77 9.42 -3.99
N ALA C 48 1.55 8.70 -3.18
CA ALA C 48 1.58 8.97 -1.75
C ALA C 48 2.14 10.35 -1.47
N ILE C 49 3.20 10.73 -2.19
CA ILE C 49 3.70 12.09 -2.05
C ILE C 49 2.62 13.09 -2.46
N GLY C 50 1.89 12.79 -3.54
CA GLY C 50 0.79 13.65 -3.94
C GLY C 50 -0.23 13.87 -2.85
N ALA C 51 -0.54 12.83 -2.08
CA ALA C 51 -1.51 12.98 -1.01
C ALA C 51 -0.95 13.89 0.08
N ALA C 52 0.34 13.75 0.37
CA ALA C 52 0.98 14.62 1.34
C ALA C 52 0.92 16.07 0.88
N LEU C 53 1.09 16.30 -0.42
CA LEU C 53 0.98 17.65 -0.95
C LEU C 53 -0.45 18.19 -0.81
N ALA C 54 -1.44 17.37 -1.14
CA ALA C 54 -2.82 17.86 -1.25
C ALA C 54 -3.54 17.91 0.09
N LEU C 55 -3.26 16.98 0.99
CA LEU C 55 -3.93 16.94 2.29
C LEU C 55 -3.06 17.46 3.42
N GLY C 56 -1.76 17.59 3.20
CA GLY C 56 -0.84 18.01 4.24
C GLY C 56 -0.53 19.50 4.28
N HIS C 57 -0.81 20.21 3.19
CA HIS C 57 -0.63 21.66 3.11
C HIS C 57 0.77 22.10 3.50
N PRO C 58 1.80 21.54 2.87
CA PRO C 58 3.18 21.96 3.19
C PRO C 58 3.43 23.41 2.83
N ASP C 59 4.42 24.00 3.51
CA ASP C 59 4.83 25.34 3.19
C ASP C 59 5.53 25.37 1.82
N THR C 60 5.95 26.56 1.40
CA THR C 60 6.49 26.72 0.06
C THR C 60 7.76 25.90 -0.15
N GLN C 61 8.68 25.94 0.82
CA GLN C 61 9.95 25.23 0.66
C GLN C 61 9.75 23.74 0.52
N ILE C 62 8.94 23.15 1.40
CA ILE C 62 8.72 21.70 1.34
C ILE C 62 7.93 21.35 0.08
N THR C 63 6.97 22.19 -0.30
CA THR C 63 6.22 21.95 -1.53
C THR C 63 7.17 21.82 -2.71
N ASP C 64 8.15 22.71 -2.81
CA ASP C 64 9.07 22.70 -3.94
C ASP C 64 9.95 21.46 -3.93
N VAL C 65 10.38 21.02 -2.75
CA VAL C 65 11.19 19.81 -2.66
C VAL C 65 10.38 18.59 -3.10
N LEU C 66 9.15 18.47 -2.61
CA LEU C 66 8.33 17.31 -2.94
C LEU C 66 7.97 17.28 -4.41
N ARG C 67 7.71 18.44 -5.03
CA ARG C 67 7.39 18.44 -6.45
C ARG C 67 8.60 17.99 -7.27
N GLN C 68 9.81 18.38 -6.85
CA GLN C 68 11.00 17.89 -7.54
C GLN C 68 11.15 16.38 -7.37
N ILE C 69 10.85 15.86 -6.19
CA ILE C 69 10.94 14.42 -5.98
C ILE C 69 9.96 13.69 -6.86
N GLN C 70 8.73 14.21 -6.97
CA GLN C 70 7.74 13.59 -7.85
C GLN C 70 8.25 13.52 -9.27
N ASN C 71 8.90 14.59 -9.74
CA ASN C 71 9.50 14.58 -11.06
C ASN C 71 10.63 13.55 -11.14
N ASP C 72 11.48 13.49 -10.10
CA ASP C 72 12.54 12.49 -10.07
C ASP C 72 11.98 11.07 -10.20
N LEU C 73 10.84 10.79 -9.55
CA LEU C 73 10.34 9.42 -9.54
C LEU C 73 9.91 8.96 -10.93
N PHE C 74 9.40 9.88 -11.76
CA PHE C 74 9.13 9.53 -13.16
C PHE C 74 10.43 9.34 -13.93
N ASP C 75 11.48 10.10 -13.60
CA ASP C 75 12.79 9.80 -14.17
C ASP C 75 13.24 8.40 -13.78
N ALA C 76 13.00 8.03 -12.51
CA ALA C 76 13.37 6.70 -12.03
C ALA C 76 12.51 5.62 -12.70
N GLY C 77 11.22 5.89 -12.89
CA GLY C 77 10.39 4.96 -13.64
C GLY C 77 10.79 4.84 -15.09
N ALA C 78 11.18 5.96 -15.71
CA ALA C 78 11.68 5.87 -17.09
C ALA C 78 12.92 5.00 -17.15
N ASP C 79 13.82 5.16 -16.18
CA ASP C 79 15.04 4.35 -16.11
C ASP C 79 14.71 2.87 -15.99
N LEU C 80 13.85 2.52 -15.03
CA LEU C 80 13.54 1.12 -14.77
C LEU C 80 12.78 0.46 -15.90
N SER C 81 12.00 1.24 -16.67
CA SER C 81 11.20 0.70 -17.75
C SER C 81 11.98 0.57 -19.06
N THR C 82 13.22 1.04 -19.08
CA THR C 82 14.03 1.06 -20.30
C THR C 82 15.24 0.14 -20.16
N PRO C 83 15.22 -1.03 -20.79
CA PRO C 83 16.39 -1.93 -20.69
C PRO C 83 17.68 -1.24 -21.10
N ILE C 84 18.75 -1.52 -20.36
CA ILE C 84 20.08 -1.04 -20.70
C ILE C 84 20.62 -1.86 -21.86
N VAL C 85 21.08 -1.19 -22.91
CA VAL C 85 21.65 -1.84 -24.07
C VAL C 85 22.98 -1.20 -24.41
N GLU C 86 23.83 -1.97 -25.10
CA GLU C 86 25.10 -1.48 -25.60
C GLU C 86 24.87 -0.45 -26.71
N ASN C 87 25.44 0.73 -26.55
CA ASN C 87 25.40 1.73 -27.61
C ASN C 87 23.99 1.92 -28.15
N PRO C 88 23.08 2.48 -27.34
CA PRO C 88 21.72 2.72 -27.82
C PRO C 88 21.70 3.81 -28.87
N LYS C 89 20.67 3.79 -29.70
CA LYS C 89 20.57 4.82 -30.75
C LYS C 89 20.38 6.20 -30.13
N HIS C 90 19.56 6.31 -29.10
CA HIS C 90 19.41 7.59 -28.46
C HIS C 90 19.74 7.50 -26.98
N PRO C 91 20.35 8.53 -26.41
CA PRO C 91 20.66 8.53 -24.99
C PRO C 91 19.39 8.33 -24.18
N PRO C 92 19.32 7.28 -23.36
CA PRO C 92 18.13 7.11 -22.51
C PRO C 92 18.20 7.98 -21.26
N LEU C 93 17.02 8.32 -20.75
CA LEU C 93 16.91 9.00 -19.47
C LEU C 93 17.32 8.04 -18.36
N ARG C 94 18.31 8.41 -17.58
CA ARG C 94 18.78 7.56 -16.49
C ARG C 94 19.00 8.39 -15.23
N ILE C 95 18.69 7.80 -14.08
CA ILE C 95 19.08 8.40 -12.82
C ILE C 95 20.60 8.46 -12.75
N ALA C 96 21.11 9.55 -12.20
CA ALA C 96 22.54 9.75 -12.02
C ALA C 96 22.84 10.08 -10.56
N GLN C 97 24.09 9.86 -10.18
CA GLN C 97 24.53 10.21 -8.82
C GLN C 97 24.11 11.60 -8.42
N SER C 98 24.17 12.56 -9.35
CA SER C 98 23.67 13.91 -9.11
C SER C 98 22.36 13.91 -8.36
N TYR C 99 21.42 13.05 -8.75
CA TYR C 99 20.11 13.04 -8.09
C TYR C 99 20.26 12.72 -6.61
N ILE C 100 21.14 11.77 -6.28
CA ILE C 100 21.28 11.31 -4.91
C ILE C 100 22.04 12.34 -4.08
N ASP C 101 23.03 13.01 -4.69
CA ASP C 101 23.71 14.11 -4.00
C ASP C 101 22.72 15.21 -3.61
N ARG C 102 21.75 15.48 -4.47
CA ARG C 102 20.73 16.48 -4.14
C ARG C 102 19.90 16.03 -2.94
N LEU C 103 19.46 14.77 -2.94
CA LEU C 103 18.72 14.26 -1.80
C LEU C 103 19.53 14.37 -0.52
N GLU C 104 20.83 14.09 -0.59
CA GLU C 104 21.69 14.19 0.60
C GLU C 104 21.82 15.63 1.06
N GLY C 105 21.94 16.58 0.13
CA GLY C 105 21.98 17.98 0.53
C GLY C 105 20.73 18.40 1.29
N TRP C 106 19.57 17.91 0.86
CA TRP C 106 18.33 18.22 1.55
C TRP C 106 18.26 17.54 2.92
N CYS C 107 18.73 16.28 3.01
CA CYS C 107 18.81 15.60 4.28
C CYS C 107 19.59 16.45 5.29
N ASP C 108 20.79 16.89 4.89
CA ASP C 108 21.64 17.65 5.80
C ASP C 108 21.00 18.98 6.18
N ALA C 109 20.39 19.67 5.21
CA ALA C 109 19.82 20.98 5.49
C ALA C 109 18.62 20.89 6.41
N TYR C 110 17.72 19.93 6.18
CA TYR C 110 16.50 19.85 6.99
C TYR C 110 16.72 19.13 8.30
N ASN C 111 17.77 18.32 8.41
CA ASN C 111 18.09 17.63 9.65
C ASN C 111 18.94 18.48 10.59
N ALA C 112 19.52 19.59 10.10
CA ALA C 112 20.46 20.36 10.90
C ALA C 112 19.84 20.86 12.20
N GLY C 113 18.58 21.30 12.16
CA GLY C 113 17.97 21.86 13.34
C GLY C 113 17.22 20.89 14.23
N LEU C 114 17.49 19.57 14.06
CA LEU C 114 16.70 18.57 14.77
C LEU C 114 17.56 17.83 15.79
N PRO C 115 17.01 17.53 16.97
CA PRO C 115 17.77 16.74 17.94
C PRO C 115 17.77 15.25 17.61
N ALA C 116 18.82 14.57 18.05
CA ALA C 116 18.90 13.13 17.84
C ALA C 116 17.79 12.43 18.61
N LEU C 117 17.37 11.29 18.10
CA LEU C 117 16.33 10.49 18.73
C LEU C 117 16.94 9.20 19.30
N LYS C 118 16.47 8.81 20.48
CA LYS C 118 16.89 7.56 21.11
C LYS C 118 15.82 6.47 21.01
N SER C 119 14.84 6.64 20.12
CA SER C 119 13.88 5.58 19.84
C SER C 119 13.19 5.91 18.52
N PHE C 120 12.33 5.00 18.07
CA PHE C 120 11.56 5.21 16.86
C PHE C 120 10.37 6.14 17.14
N VAL C 121 9.88 6.73 16.05
CA VAL C 121 8.76 7.66 16.10
C VAL C 121 7.47 6.91 15.83
N LEU C 122 6.45 7.14 16.67
CA LEU C 122 5.10 6.67 16.36
C LEU C 122 4.49 7.65 15.36
N PRO C 123 4.27 7.25 14.10
CA PRO C 123 3.76 8.21 13.12
C PRO C 123 2.45 8.83 13.58
N GLY C 124 2.32 10.14 13.34
CA GLY C 124 1.12 10.84 13.72
C GLY C 124 1.37 12.35 13.77
N GLY C 125 0.54 13.03 14.53
CA GLY C 125 0.68 14.46 14.70
C GLY C 125 -0.04 15.23 13.60
N SER C 126 0.70 16.10 12.91
CA SER C 126 0.10 16.86 11.83
C SER C 126 -0.28 15.94 10.67
N PRO C 127 -1.32 16.30 9.91
CA PRO C 127 -1.60 15.54 8.68
C PRO C 127 -0.38 15.42 7.79
N LEU C 128 0.40 16.49 7.66
CA LEU C 128 1.59 16.45 6.81
C LEU C 128 2.58 15.40 7.31
N SER C 129 2.88 15.40 8.61
CA SER C 129 3.82 14.43 9.15
C SER C 129 3.34 13.01 8.91
N ALA C 130 2.06 12.76 9.17
CA ALA C 130 1.52 11.43 8.98
C ALA C 130 1.60 11.01 7.53
N LEU C 131 1.26 11.91 6.60
CA LEU C 131 1.27 11.53 5.20
C LEU C 131 2.69 11.34 4.68
N LEU C 132 3.66 12.04 5.26
CA LEU C 132 5.04 11.83 4.87
C LEU C 132 5.53 10.46 5.35
N HIS C 133 5.03 10.00 6.49
CA HIS C 133 5.36 8.65 6.95
C HIS C 133 4.76 7.59 6.02
N VAL C 134 3.53 7.80 5.56
CA VAL C 134 2.95 6.87 4.59
C VAL C 134 3.84 6.84 3.36
N ALA C 135 4.20 8.01 2.84
CA ALA C 135 5.07 8.07 1.67
C ALA C 135 6.40 7.37 1.94
N ARG C 136 6.97 7.60 3.12
CA ARG C 136 8.23 6.99 3.50
C ARG C 136 8.18 5.47 3.37
N THR C 137 7.13 4.86 3.91
CA THR C 137 7.05 3.41 3.88
C THR C 137 6.74 2.88 2.49
N VAL C 138 5.99 3.64 1.68
CA VAL C 138 5.73 3.20 0.31
C VAL C 138 6.99 3.29 -0.53
N VAL C 139 7.79 4.35 -0.32
CA VAL C 139 9.08 4.46 -1.01
C VAL C 139 9.98 3.29 -0.64
N ARG C 140 9.97 2.88 0.64
CA ARG C 140 10.82 1.77 1.05
C ARG C 140 10.36 0.48 0.39
N ARG C 141 9.06 0.31 0.20
CA ARG C 141 8.56 -0.82 -0.55
C ARG C 141 9.00 -0.74 -2.01
N ALA C 142 8.99 0.46 -2.59
CA ALA C 142 9.46 0.60 -3.97
C ALA C 142 10.94 0.29 -4.08
N GLU C 143 11.72 0.66 -3.05
CA GLU C 143 13.13 0.34 -3.04
C GLU C 143 13.37 -1.16 -3.08
N ARG C 144 12.62 -1.92 -2.29
CA ARG C 144 12.79 -3.36 -2.29
C ARG C 144 12.50 -3.94 -3.66
N SER C 145 11.48 -3.41 -4.33
CA SER C 145 11.14 -3.88 -5.67
C SER C 145 12.24 -3.54 -6.67
N ALA C 146 12.88 -2.39 -6.52
CA ALA C 146 13.95 -2.00 -7.43
C ALA C 146 15.17 -2.91 -7.25
N TRP C 147 15.50 -3.28 -6.01
CA TRP C 147 16.54 -4.26 -5.80
C TRP C 147 16.15 -5.61 -6.38
N ALA C 148 14.87 -5.97 -6.28
CA ALA C 148 14.43 -7.23 -6.86
C ALA C 148 14.57 -7.21 -8.38
N ALA C 149 14.38 -6.04 -9.00
CA ALA C 149 14.56 -5.92 -10.44
C ALA C 149 16.02 -6.03 -10.82
N VAL C 150 16.91 -5.43 -10.01
CA VAL C 150 18.34 -5.58 -10.24
C VAL C 150 18.75 -7.06 -10.20
N ASP C 151 18.23 -7.79 -9.21
CA ASP C 151 18.56 -9.21 -9.10
C ASP C 151 18.14 -9.97 -10.35
N ALA C 152 16.95 -9.66 -10.88
CA ALA C 152 16.46 -10.38 -12.05
C ALA C 152 17.21 -10.00 -13.32
N HIS C 153 17.82 -8.81 -13.36
CA HIS C 153 18.45 -8.29 -14.56
C HIS C 153 19.69 -7.49 -14.18
N PRO C 154 20.73 -8.17 -13.70
CA PRO C 154 21.92 -7.44 -13.21
C PRO C 154 22.62 -6.60 -14.27
N GLU C 155 22.41 -6.88 -15.55
CA GLU C 155 22.95 -6.04 -16.61
C GLU C 155 21.94 -5.07 -17.20
N GLY C 156 20.67 -5.47 -17.27
CA GLY C 156 19.65 -4.67 -17.92
C GLY C 156 18.99 -3.63 -17.06
N VAL C 157 19.18 -3.68 -15.74
CA VAL C 157 18.58 -2.72 -14.82
C VAL C 157 19.71 -2.04 -14.05
N SER C 158 19.60 -0.73 -13.92
CA SER C 158 20.59 0.05 -13.19
C SER C 158 20.34 -0.01 -11.68
N VAL C 159 21.42 0.14 -10.91
CA VAL C 159 21.31 0.20 -9.46
C VAL C 159 20.95 1.58 -8.94
N LEU C 160 21.07 2.62 -9.79
CA LEU C 160 20.91 3.98 -9.29
C LEU C 160 19.47 4.29 -8.89
N PRO C 161 18.45 3.73 -9.57
CA PRO C 161 17.07 3.92 -9.07
C PRO C 161 16.89 3.45 -7.64
N ALA C 162 17.36 2.23 -7.33
CA ALA C 162 17.24 1.72 -5.97
C ALA C 162 17.99 2.59 -4.98
N LYS C 163 19.22 3.00 -5.35
CA LYS C 163 20.01 3.89 -4.51
C LYS C 163 19.29 5.20 -4.24
N TYR C 164 18.72 5.80 -5.29
CA TYR C 164 17.92 7.01 -5.11
C TYR C 164 16.77 6.78 -4.13
N LEU C 165 16.01 5.70 -4.35
CA LEU C 165 14.89 5.40 -3.45
C LEU C 165 15.37 5.13 -2.03
N ASN C 166 16.54 4.51 -1.89
CA ASN C 166 17.10 4.31 -0.55
C ASN C 166 17.29 5.64 0.17
N ARG C 167 17.99 6.57 -0.47
CA ARG C 167 18.22 7.85 0.18
C ARG C 167 16.93 8.63 0.37
N LEU C 168 15.96 8.44 -0.53
CA LEU C 168 14.74 9.24 -0.48
C LEU C 168 13.93 8.94 0.77
N SER C 169 13.87 7.67 1.19
CA SER C 169 13.06 7.39 2.38
C SER C 169 13.68 8.00 3.61
N ASP C 170 15.01 8.17 3.63
CA ASP C 170 15.65 8.88 4.73
C ASP C 170 15.23 10.35 4.74
N LEU C 171 15.18 11.00 3.58
CA LEU C 171 14.73 12.39 3.52
C LEU C 171 13.29 12.52 3.97
N LEU C 172 12.42 11.62 3.52
CA LEU C 172 11.02 11.71 3.94
C LEU C 172 10.89 11.57 5.46
N PHE C 173 11.74 10.76 6.09
CA PHE C 173 11.69 10.67 7.54
C PHE C 173 12.05 12.00 8.17
N ILE C 174 13.13 12.62 7.69
CA ILE C 174 13.55 13.92 8.22
C ILE C 174 12.43 14.94 8.04
N LEU C 175 11.83 15.00 6.86
CA LEU C 175 10.77 15.96 6.61
C LEU C 175 9.55 15.67 7.49
N SER C 176 9.28 14.39 7.79
CA SER C 176 8.17 14.09 8.67
C SER C 176 8.38 14.68 10.06
N ARG C 177 9.64 14.76 10.50
CA ARG C 177 9.95 15.36 11.80
C ARG C 177 9.84 16.87 11.75
N VAL C 178 10.32 17.48 10.66
CA VAL C 178 10.18 18.93 10.48
C VAL C 178 8.71 19.32 10.51
N ALA C 179 7.83 18.44 10.03
CA ALA C 179 6.41 18.71 9.99
C ALA C 179 5.71 18.48 11.33
N ASN C 180 6.41 17.99 12.35
CA ASN C 180 5.92 17.93 13.73
C ASN C 180 6.83 18.80 14.60
N PRO C 181 6.74 20.13 14.47
CA PRO C 181 7.66 21.00 15.22
C PRO C 181 7.53 20.88 16.73
N ASP C 182 6.36 20.49 17.23
CA ASP C 182 6.16 20.29 18.67
C ASP C 182 6.71 18.95 19.16
N GLY C 183 7.27 18.13 18.28
CA GLY C 183 7.87 16.87 18.66
C GLY C 183 6.99 15.68 18.36
N ASP C 184 7.62 14.51 18.32
CA ASP C 184 6.95 13.25 18.01
C ASP C 184 6.78 12.41 19.26
N VAL C 185 5.80 11.51 19.21
CA VAL C 185 5.66 10.48 20.22
C VAL C 185 6.62 9.36 19.89
N LEU C 186 7.32 8.83 20.90
CA LEU C 186 8.36 7.85 20.68
C LEU C 186 7.94 6.47 21.18
N TRP C 187 8.53 5.45 20.56
CA TRP C 187 8.31 4.07 20.94
C TRP C 187 8.90 3.81 22.32
N ARG C 188 8.12 3.17 23.19
CA ARG C 188 8.60 2.67 24.47
C ARG C 188 8.66 1.15 24.40
N PRO C 189 9.83 0.54 24.20
CA PRO C 189 9.88 -0.91 23.99
C PRO C 189 9.21 -1.67 25.13
N GLY C 190 8.24 -2.51 24.77
CA GLY C 190 7.52 -3.30 25.75
C GLY C 190 6.69 -2.49 26.72
N GLY C 191 6.39 -1.23 26.41
CA GLY C 191 5.59 -0.40 27.29
C GLY C 191 4.33 0.13 26.62
K K D . -4.27 1.78 -20.16
MG MG E . -3.73 -1.32 -18.06
PG 3PO F . -9.36 -15.34 11.90
O1G 3PO F . -8.91 -13.92 11.73
O2G 3PO F . -8.44 -16.29 12.66
O3G 3PO F . -10.71 -15.53 12.61
PB 3PO F . -8.92 -15.88 9.16
O1B 3PO F . -7.58 -15.26 9.53
O2B 3PO F . -8.58 -17.20 8.46
O3B 3PO F . -9.61 -16.22 10.54
PA 3PO F . -10.52 -13.37 8.20
O1A 3PO F . -11.84 -13.58 8.87
O2A 3PO F . -10.44 -13.19 6.71
O3A 3PO F . -9.77 -14.92 8.40
O5' 3PO F . -9.53 -12.54 9.03
CO B12 G . -14.27 -12.26 5.04
N21 B12 G . -15.05 -13.05 6.53
N22 B12 G . -13.83 -10.71 6.11
N23 B12 G . -13.47 -11.70 3.47
N24 B12 G . -14.83 -13.87 4.20
C1 B12 G . -15.91 -14.25 6.36
C20 B12 G . -17.38 -13.80 6.13
C2 B12 G . -15.68 -15.07 7.71
C25 B12 G . -16.87 -16.02 8.07
C26 B12 G . -14.34 -15.84 7.64
C27 B12 G . -13.95 -16.56 8.94
O28 B12 G . -14.43 -17.61 9.35
N29 B12 G . -12.98 -15.97 9.66
C3 B12 G . -15.48 -13.88 8.68
C30 B12 G . -16.66 -13.38 9.60
C31 B12 G . -16.54 -14.08 10.99
C32 B12 G . -17.64 -13.73 12.00
O34 B12 G . -17.75 -12.58 12.40
N33 B12 G . -18.50 -14.65 12.43
C4 B12 G . -14.95 -12.76 7.80
C5 B12 G . -14.42 -11.51 8.31
C35 B12 G . -14.13 -11.44 9.84
C6 B12 G . -13.97 -10.51 7.48
C7 B12 G . -13.29 -9.19 7.88
C36 B12 G . -13.92 -8.42 9.05
C37 B12 G . -11.77 -9.50 8.13
C38 B12 G . -11.05 -8.19 8.56
O39 B12 G . -10.73 -7.38 7.63
N40 B12 G . -10.81 -8.01 9.84
C8 B12 G . -13.32 -8.44 6.52
C41 B12 G . -14.61 -7.57 6.34
C42 B12 G . -14.61 -6.85 4.99
C43 B12 G . -15.54 -5.69 4.87
O44 B12 G . -16.71 -5.74 5.34
N45 B12 G . -15.18 -4.56 4.24
C9 B12 G . -13.38 -9.60 5.54
C10 B12 G . -12.77 -9.54 4.31
C11 B12 G . -12.86 -10.50 3.33
C12 B12 G . -12.45 -10.22 1.91
C46 B12 G . -10.92 -9.94 1.95
C47 B12 G . -13.17 -8.97 1.35
C13 B12 G . -12.66 -11.60 1.23
C48 B12 G . -13.39 -11.49 -0.17
C49 B12 G . -14.90 -11.23 -0.01
C50 B12 G . -15.45 -10.49 -1.25
O51 B12 G . -14.70 -9.61 -1.81
N52 B12 G . -16.64 -10.75 -1.67
C14 B12 G . -13.49 -12.36 2.24
C15 B12 G . -13.76 -13.71 2.02
C53 B12 G . -13.25 -14.45 0.78
C16 B12 G . -14.46 -14.39 3.08
C17 B12 G . -15.45 -15.58 2.83
C54 B12 G . -14.36 -16.72 2.66
C55 B12 G . -16.34 -15.60 1.63
C56 B12 G . -17.31 -14.39 1.74
C57 B12 G . -17.98 -14.05 0.40
O58 B12 G . -17.45 -13.29 -0.38
N59 B12 G . -19.18 -14.59 0.20
C18 B12 G . -16.15 -15.80 4.19
C60 B12 G . -16.29 -17.22 4.82
C61 B12 G . -17.45 -17.98 4.20
O63 B12 G . -18.58 -17.47 4.13
N62 B12 G . -17.15 -19.19 3.74
C19 B12 G . -15.29 -14.92 5.08
C1P B12 G . -19.81 -14.20 -1.08
C2P B12 G . -20.30 -15.42 -1.85
C3P B12 G . -19.14 -16.18 -2.49
O3 B12 G . -20.95 -16.28 -0.85
O4 B12 G . -22.52 -18.23 -0.54
O5 B12 G . -23.44 -15.81 -0.82
P B12 G . -22.41 -16.90 -1.14
O2 B12 G . -22.42 -17.00 -2.77
C3R B12 G . -22.99 -18.11 -3.37
C2R B12 G . -24.38 -18.06 -3.97
O7R B12 G . -25.37 -17.52 -3.15
C1R B12 G . -24.12 -17.24 -5.29
O6R B12 G . -22.73 -17.27 -5.47
C4R B12 G . -22.15 -18.32 -4.67
C5R B12 G . -22.29 -19.71 -5.27
O8R B12 G . -20.95 -20.32 -5.31
N1B B12 G . -24.57 -15.83 -5.26
C8B B12 G . -24.85 -15.05 -6.38
C2B B12 G . -24.81 -15.06 -4.19
N3B B12 G . -25.21 -13.85 -4.52
C9B B12 G . -25.25 -13.81 -5.92
C4B B12 G . -25.59 -12.80 -6.84
C5B B12 G . -25.50 -13.14 -8.20
C5M B12 G . -25.84 -12.13 -9.28
C6B B12 G . -25.08 -14.44 -8.68
C6M B12 G . -25.01 -14.74 -10.13
C7B B12 G . -24.74 -15.43 -7.73
H201 B12 G . -17.91 -14.56 5.82
H202 B12 G . -17.75 -13.47 6.96
H203 B12 G . -17.40 -13.10 5.47
H251 B12 G . -16.54 -16.93 8.16
H252 B12 G . -17.54 -15.98 7.37
H253 B12 G . -17.27 -15.75 8.92
H261 B12 G . -14.41 -16.51 6.94
H262 B12 G . -13.63 -15.21 7.42
H291 B12 G . -12.63 -15.24 9.39
H292 B12 G . -12.72 -16.33 10.40
H3 B12 G . -14.76 -14.17 9.27
H301 B12 G . -16.61 -12.42 9.70
H302 B12 G . -17.51 -13.62 9.19
H311 B12 G . -16.54 -15.03 10.85
H312 B12 G . -15.69 -13.81 11.38
H331 B12 G . -18.44 -15.46 12.16
H332 B12 G . -19.11 -14.43 12.99
H351 B12 G . -14.90 -11.08 10.30
H352 B12 G . -13.95 -12.34 10.17
H353 B12 G . -13.36 -10.88 10.01
H361 B12 G . -14.88 -8.55 9.03
H362 B12 G . -13.55 -8.73 9.88
H363 B12 G . -13.73 -7.47 8.93
H371 B12 G . -11.68 -10.16 8.85
H372 B12 G . -11.37 -9.85 7.32
H401 B12 G . -11.06 -8.60 10.41
H402 B12 G . -10.41 -7.29 10.10
H8 B12 G . -12.54 -7.87 6.40
H411 B12 G . -14.64 -6.91 7.05
H412 B12 G . -15.40 -8.14 6.40
H421 B12 G . -13.71 -6.53 4.83
H422 B12 G . -14.85 -7.49 4.31
H451 B12 G . -15.73 -3.91 4.18
H452 B12 G . -14.39 -4.50 3.91
H10 B12 G . -12.26 -8.79 4.13
H461 B12 G . -10.58 -9.87 1.05
H462 B12 G . -10.75 -9.10 2.42
H463 B12 G . -10.47 -10.66 2.42
H471 B12 G . -14.11 -9.00 1.56
H472 B12 G . -12.78 -8.17 1.73
H473 B12 G . -13.07 -8.94 0.38
H13 B12 G . -11.83 -12.09 1.13
H481 B12 G . -13.27 -12.31 -0.65
H482 B12 G . -13.00 -10.76 -0.67
H491 B12 G . -15.36 -12.07 0.09
H492 B12 G . -15.04 -10.68 0.78
H521 B12 G . -16.95 -10.35 -2.35
H522 B12 G . -17.12 -11.34 -1.25
H531 B12 G . -12.91 -15.32 1.04
H532 B12 G . -13.98 -14.57 0.15
H533 B12 G . -12.55 -13.93 0.36
H541 B12 G . -13.61 -16.56 3.26
H542 B12 G . -14.75 -17.58 2.87
H543 B12 G . -14.04 -16.73 1.74
H551 B12 G . -15.81 -15.53 0.83
H552 B12 G . -16.85 -16.43 1.62
H561 B12 G . -18.00 -14.61 2.39
H562 B12 G . -16.82 -13.62 2.04
H59 B12 G . -19.54 -15.11 0.76
H18 B12 G . -17.05 -15.48 4.05
H601 B12 G . -15.47 -17.72 4.68
H602 B12 G . -16.45 -17.12 5.77
H621 B12 G . -16.35 -19.49 3.82
H622 B12 G . -17.76 -19.67 3.38
H1P1 B12 G . -20.57 -13.62 -0.89
H1P2 B12 G . -19.17 -13.73 -1.62
H2P B12 G . -20.95 -15.18 -2.53
H3P1 B12 G . -18.30 -15.88 -2.08
H3P2 B12 G . -19.11 -16.00 -3.44
H3P3 B12 G . -19.25 -17.13 -2.35
HOP5 B12 G . -24.14 -15.93 -1.29
H3R B12 G . -22.93 -18.85 -2.74
H2R B12 G . -24.65 -18.95 -4.25
HOR7 B12 G . -26.08 -18.00 -3.21
H1R B12 G . -24.54 -17.69 -6.04
H4R B12 G . -21.19 -18.19 -4.54
H5R1 B12 G . -22.65 -19.65 -6.17
H5R2 B12 G . -22.89 -20.24 -4.71
HOR8 B12 G . -20.74 -20.57 -4.52
H2B B12 G . -24.70 -15.35 -3.31
H4B B12 G . -25.86 -11.97 -6.57
HM51 B12 G . -25.04 -11.88 -9.76
HM52 B12 G . -26.23 -11.34 -8.88
HM53 B12 G . -26.48 -12.52 -9.90
HM61 B12 G . -24.66 -15.63 -10.27
HM62 B12 G . -24.41 -14.10 -10.56
HM63 B12 G . -25.89 -14.67 -10.52
H7B B12 G . -24.47 -16.28 -7.97
H91 B12 G . -14.55 -15.44 5.42
K K H . -11.40 -12.71 11.47
MG MG I . -7.87 -13.06 10.17
PG 3PO J . 17.81 1.73 6.87
O1G 3PO J . 18.45 2.61 7.89
O2G 3PO J . 16.61 0.89 7.31
O3G 3PO J . 17.29 2.42 5.60
PB 3PO J . 19.78 0.63 5.10
O1B 3PO J . 18.99 0.70 3.83
O2B 3PO J . 20.49 -0.71 5.10
O3B 3PO J . 18.73 0.52 6.27
PA 3PO J . 21.05 3.31 4.49
O1A 3PO J . 19.63 3.73 4.12
O2A 3PO J . 21.93 2.84 3.36
O3A 3PO J . 20.69 1.82 5.20
O5' 3PO J . 21.66 4.08 5.65
K K K . 18.97 4.93 6.49
MG MG L . 17.89 2.63 3.65
PG 3PO M . -1.26 0.60 -19.11
O1G 3PO M . -1.60 1.66 -20.10
O2G 3PO M . -2.34 0.16 -18.13
O3G 3PO M . -0.06 0.83 -18.18
PB 3PO M . -1.62 -2.04 -20.24
O1B 3PO M . -2.13 -2.73 -18.99
O2B 3PO M . -0.63 -3.03 -20.87
O3B 3PO M . -0.73 -0.84 -19.72
PA 3PO M . -4.44 -1.33 -21.31
O1A 3PO M . -4.73 -0.91 -19.87
O2A 3PO M . -4.89 -2.70 -21.72
O3A 3PO M . -2.75 -1.65 -21.15
O5' 3PO M . -4.51 -0.19 -22.34
CO B12 N . 15.74 1.24 11.50
N21 B12 N . 17.35 2.17 11.70
N22 B12 N . 14.92 2.81 10.75
N23 B12 N . 14.29 0.10 11.31
N24 B12 N . 16.75 -0.16 12.30
C1 B12 N . 18.42 1.62 12.56
C20 B12 N . 18.22 2.20 14.01
C2 B12 N . 19.76 2.10 11.85
C25 B12 N . 21.00 2.20 12.78
C26 B12 N . 20.06 1.20 10.61
C27 B12 N . 21.29 1.64 9.85
O28 B12 N . 22.45 1.62 10.26
N29 B12 N . 21.06 2.10 8.62
C3 B12 N . 19.26 3.46 11.29
C30 B12 N . 19.62 4.78 12.10
C31 B12 N . 20.88 5.41 11.42
C32 B12 N . 21.39 6.69 12.09
O34 B12 N . 20.63 7.65 12.13
N33 B12 N . 22.62 6.77 12.62
C4 B12 N . 17.76 3.26 11.12
C5 B12 N . 16.89 4.17 10.38
C35 B12 N . 17.53 5.48 9.82
C6 B12 N . 15.53 3.97 10.30
C7 B12 N . 14.51 4.82 9.52
C36 B12 N . 14.62 6.34 9.69
C37 B12 N . 14.56 4.35 8.03
C38 B12 N . 13.63 5.20 7.11
O39 B12 N . 12.41 4.90 7.14
N40 B12 N . 14.18 6.15 6.37
C8 B12 N . 13.16 4.23 10.07
C41 B12 N . 12.63 4.98 11.33
C42 B12 N . 11.23 4.46 11.73
C43 B12 N . 10.50 5.33 12.67
O44 B12 N . 11.12 5.96 13.57
N45 B12 N . 9.17 5.49 12.58
C9 B12 N . 13.61 2.86 10.49
C10 B12 N . 12.75 1.80 10.50
C11 B12 N . 13.09 0.51 10.84
C12 B12 N . 12.00 -0.54 11.04
C46 B12 N . 11.36 -0.80 9.62
C47 B12 N . 10.88 0.01 11.96
C13 B12 N . 12.83 -1.78 11.44
C48 B12 N . 12.10 -2.59 12.58
C49 B12 N . 12.36 -1.95 13.96
C50 B12 N . 11.18 -2.23 14.93
O51 B12 N . 10.00 -2.30 14.42
N52 B12 N . 11.40 -2.36 16.18
C14 B12 N . 14.14 -1.17 11.86
C15 B12 N . 15.17 -2.01 12.30
C53 B12 N . 15.01 -3.53 12.29
C16 B12 N . 16.45 -1.39 12.49
C17 B12 N . 17.52 -1.95 13.47
C54 B12 N . 18.16 -2.96 12.41
C55 B12 N . 17.13 -2.70 14.71
C56 B12 N . 16.61 -1.64 15.72
C57 B12 N . 15.70 -2.23 16.80
O58 B12 N . 14.50 -2.38 16.59
N59 B12 N . 16.30 -2.49 17.94
C18 B12 N . 18.51 -0.80 13.71
C60 B12 N . 20.03 -1.11 13.88
C61 B12 N . 20.32 -1.40 15.35
O63 B12 N . 20.00 -0.60 16.23
N62 B12 N . 20.93 -2.57 15.58
C19 B12 N . 18.18 0.07 12.52
C1P B12 N . 15.43 -3.02 19.00
C2P B12 N . 16.02 -4.27 19.63
C3P B12 N . 15.80 -5.49 18.71
O3 B12 N . 17.45 -4.04 19.75
O4 B12 N . 19.53 -4.06 21.20
O5 B12 N . 17.80 -2.13 21.36
P B12 N . 18.13 -3.61 21.16
O2 B12 N . 17.23 -4.41 22.27
C3R B12 N . 17.67 -5.65 22.73
C2R B12 N . 17.58 -6.00 24.20
O7R B12 N . 17.92 -4.98 25.10
C1R B12 N . 16.09 -6.47 24.37
O6R B12 N . 15.68 -6.85 23.09
C4R B12 N . 16.72 -6.71 22.08
C5R B12 N . 17.37 -8.04 21.76
O8R B12 N . 18.64 -7.77 21.07
N1B B12 N . 15.14 -5.45 24.82
C8B B12 N . 13.98 -5.68 25.55
C2B B12 N . 15.21 -4.13 24.63
N3B B12 N . 14.20 -3.48 25.16
C9B B12 N . 13.39 -4.44 25.75
C4B B12 N . 12.18 -4.36 26.48
C5B B12 N . 11.64 -5.57 26.95
C5M B12 N . 10.34 -5.58 27.72
C6B B12 N . 12.26 -6.87 26.73
C6M B12 N . 11.63 -8.09 27.24
C7B B12 N . 13.47 -6.91 26.00
H201 B12 N . 18.86 1.80 14.60
H202 B12 N . 18.36 3.16 13.99
H203 B12 N . 17.33 2.00 14.32
H251 B12 N . 21.45 1.35 12.81
H252 B12 N . 20.72 2.45 13.67
H253 B12 N . 21.61 2.88 12.43
H261 B12 N . 20.20 0.29 10.93
H262 B12 N . 19.30 1.22 10.02
H291 B12 N . 20.25 2.14 8.32
H292 B12 N . 21.71 2.38 8.13
H3 B12 N . 19.64 3.56 10.40
H301 B12 N . 18.88 5.40 12.07
H302 B12 N . 19.82 4.55 13.02
H311 B12 N . 21.59 4.75 11.44
H312 B12 N . 20.66 5.62 10.51
H331 B12 N . 23.15 6.10 12.59
H332 B12 N . 22.88 7.50 13.00
H351 B12 N . 17.38 6.21 10.45
H352 B12 N . 18.48 5.35 9.71
H353 B12 N . 17.12 5.69 8.97
H361 B12 N . 14.93 6.55 10.58
H362 B12 N . 15.24 6.70 9.03
H363 B12 N . 13.73 6.75 9.56
H371 B12 N . 15.48 4.43 7.70
H372 B12 N . 14.28 3.42 7.98
H401 B12 N . 15.03 6.29 6.41
H402 B12 N . 13.69 6.63 5.86
H8 B12 N . 12.47 4.24 9.38
H411 B12 N . 12.56 5.93 11.14
H412 B12 N . 13.24 4.84 12.07
H421 B12 N . 10.71 4.36 10.92
H422 B12 N . 11.34 3.58 12.15
H451 B12 N . 8.75 6.01 13.12
H452 B12 N . 8.73 5.08 11.96
H10 B12 N . 11.86 1.95 10.27
H461 B12 N . 10.73 -1.53 9.68
H462 B12 N . 10.92 0.00 9.32
H463 B12 N . 12.07 -1.03 8.99
H471 B12 N . 11.28 0.42 12.74
H472 B12 N . 10.37 0.68 11.48
H473 B12 N . 10.30 -0.71 12.23
H13 B12 N . 13.04 -2.37 10.69
H481 B12 N . 12.45 -3.49 12.59
H482 B12 N . 11.16 -2.60 12.41
H491 B12 N . 13.17 -2.32 14.34
H492 B12 N . 12.45 -0.99 13.85
H521 B12 N . 10.75 -2.50 16.72
H522 B12 N . 12.21 -2.30 16.49
H531 B12 N . 15.88 -3.95 12.40
H532 B12 N . 14.43 -3.80 13.02
H533 B12 N . 14.63 -3.82 11.45
H541 B12 N . 17.54 -3.09 11.67
H542 B12 N . 19.00 -2.59 12.08
H543 B12 N . 18.34 -3.81 12.83
H551 B12 N . 16.43 -3.34 14.50
H552 B12 N . 17.91 -3.16 15.08
H561 B12 N . 17.38 -1.23 16.15
H562 B12 N . 16.11 -0.96 15.23
H59 B12 N . 17.14 -2.37 18.05
H18 B12 N . 18.27 -0.34 14.52
H601 B12 N . 20.26 -1.88 13.35
H602 B12 N . 20.56 -0.35 13.58
H621 B12 N . 21.13 -3.08 14.92
H622 B12 N . 21.13 -2.80 16.38
H1P1 B12 N . 15.32 -2.33 19.69
H1P2 B12 N . 14.56 -3.23 18.63
H2P B12 N . 15.65 -4.44 20.51
H3P1 B12 N . 15.79 -5.19 17.79
H3P2 B12 N . 14.96 -5.91 18.92
H3P3 B12 N . 16.53 -6.12 18.84
HOP5 B12 N . 17.41 -1.83 20.67
H3R B12 N . 18.58 -5.78 22.42
H2R B12 N . 18.14 -6.78 24.35
HOR7 B12 N . 18.07 -4.26 24.67
H1R B12 N . 16.09 -7.24 24.96
H4R B12 N . 16.34 -6.36 21.26
H5R1 B12 N . 16.79 -8.56 21.19
H5R2 B12 N . 17.55 -8.53 22.59
HOR8 B12 N . 18.48 -7.43 20.31
H2B B12 N . 15.91 -3.71 24.17
H4B B12 N . 11.76 -3.54 26.64
HM51 B12 N . 9.65 -6.00 27.19
HM52 B12 N . 10.08 -4.67 27.94
HM53 B12 N . 10.46 -6.08 28.54
HM61 B12 N . 12.15 -8.87 26.96
HM62 B12 N . 10.73 -8.18 26.89
HM63 B12 N . 11.60 -8.07 28.21
H7B B12 N . 13.90 -7.71 25.83
H91 B12 N . 18.69 -0.22 11.74
CO B12 O . 2.11 4.48 -18.94
N21 B12 O . 1.14 4.60 -20.50
N22 B12 O . 0.58 5.06 -17.93
N23 B12 O . 3.25 4.24 -17.49
N24 B12 O . 3.55 4.06 -20.11
C1 B12 O . 1.87 4.66 -21.78
C20 B12 O . 2.21 6.14 -22.08
C2 B12 O . 0.83 3.98 -22.79
C25 B12 O . 1.06 4.35 -24.28
C26 B12 O . 0.84 2.43 -22.60
C27 B12 O . -0.22 1.68 -23.38
O28 B12 O . -0.20 1.49 -24.60
N29 B12 O . -1.25 1.18 -22.69
C3 B12 O . -0.49 4.46 -22.15
C30 B12 O . -1.26 5.69 -22.77
C31 B12 O . -2.36 5.16 -23.72
C32 B12 O . -3.12 6.25 -24.50
O34 B12 O . -3.72 7.10 -23.85
N33 B12 O . -3.11 6.30 -25.84
C4 B12 O . -0.14 4.73 -20.71
C5 B12 O . -1.12 4.97 -19.66
C35 B12 O . -2.63 4.80 -20.01
C6 B12 O . -0.74 5.22 -18.36
C7 B12 O . -1.66 5.39 -17.16
C36 B12 O . -2.85 6.32 -17.36
C37 B12 O . -2.08 3.97 -16.66
C38 B12 O . -3.08 4.10 -15.47
O39 B12 O . -2.58 4.38 -14.33
N40 B12 O . -4.35 3.90 -15.71
C8 B12 O . -0.63 5.93 -16.10
C41 B12 O . -0.47 7.50 -16.13
C42 B12 O . 0.47 7.95 -15.00
C43 B12 O . 0.41 9.39 -14.63
O44 B12 O . 0.25 10.28 -15.50
N45 B12 O . 0.54 9.79 -13.36
C9 B12 O . 0.65 5.34 -16.63
C10 B12 O . 1.71 5.06 -15.81
C11 B12 O . 2.88 4.46 -16.20
C12 B12 O . 4.04 4.36 -15.23
C46 B12 O . 3.57 3.38 -14.11
C47 B12 O . 4.32 5.71 -14.51
C13 B12 O . 5.13 3.69 -16.10
C48 B12 O . 6.56 4.35 -15.91
C49 B12 O . 6.67 5.70 -16.63
C50 B12 O . 7.69 6.63 -15.94
O51 B12 O . 7.76 6.58 -14.66
N52 B12 O . 8.39 7.45 -16.64
C14 B12 O . 4.60 3.88 -17.51
C15 B12 O . 5.32 3.36 -18.59
C53 B12 O . 6.55 2.47 -18.39
C16 B12 O . 4.68 3.47 -19.88
C17 B12 O . 5.46 3.56 -21.22
C54 B12 O . 5.81 2.02 -21.38
C55 B12 O . 6.76 4.29 -21.28
C56 B12 O . 6.49 5.80 -21.12
C57 B12 O . 7.74 6.56 -20.70
O58 B12 O . 8.05 6.63 -19.51
N59 B12 O . 8.41 7.12 -21.69
C18 B12 O . 4.43 3.96 -22.29
C60 B12 O . 4.32 3.21 -23.65
C61 B12 O . 5.37 3.72 -24.63
O63 B12 O . 5.43 4.93 -24.91
N62 B12 O . 6.18 2.80 -25.15
C19 B12 O . 3.15 3.79 -21.49
C1P B12 O . 9.61 7.89 -21.31
C2P B12 O . 10.85 7.42 -22.06
C3P B12 O . 11.40 6.13 -21.41
O3 B12 O . 10.44 7.11 -23.42
O4 B12 O . 10.87 7.36 -25.90
O5 B12 O . 9.83 9.30 -24.52
P B12 O . 10.79 8.12 -24.64
O2 B12 O . 12.25 8.71 -24.20
C3R B12 O . 13.40 8.19 -24.83
C2R B12 O . 14.49 9.13 -25.30
O7R B12 O . 14.04 10.26 -25.98
C1R B12 O . 15.25 9.46 -23.98
O6R B12 O . 14.93 8.44 -23.08
C4R B12 O . 14.17 7.39 -23.72
C5R B12 O . 15.09 6.30 -24.25
O8R B12 O . 14.41 5.60 -25.34
N1B B12 O . 14.84 10.70 -23.31
C8B B12 O . 15.65 11.50 -22.50
C2B B12 O . 13.65 11.29 -23.35
N3B B12 O . 13.60 12.39 -22.63
C9B B12 O . 14.86 12.55 -22.07
C4B B12 O . 15.41 13.52 -21.23
C5B B12 O . 16.75 13.36 -20.85
C5M B12 O . 17.43 14.36 -19.95
C6B B12 O . 17.58 12.25 -21.30
C6M B12 O . 18.99 12.15 -20.85
C7B B12 O . 17.00 11.29 -22.14
H201 B12 O . 2.83 6.19 -22.83
H202 B12 O . 1.39 6.62 -22.32
H203 B12 O . 2.60 6.56 -21.30
H251 B12 O . 1.36 3.56 -24.77
H252 B12 O . 1.73 5.04 -24.35
H253 B12 O . 0.22 4.67 -24.66
H261 B12 O . 1.71 2.10 -22.86
H262 B12 O . 0.71 2.24 -21.65
H291 B12 O . -1.29 1.29 -21.83
H292 B12 O . -1.88 0.75 -23.09
H3 B12 O . -1.07 3.69 -22.21
H301 B12 O . -1.65 6.23 -22.07
H302 B12 O . -0.63 6.24 -23.27
H311 B12 O . -1.96 4.56 -24.36
H312 B12 O . -3.01 4.68 -23.19
H331 B12 O . -2.69 5.71 -26.29
H332 B12 O . -3.55 6.92 -26.24
H351 B12 O . -3.02 5.67 -20.17
H352 B12 O . -2.73 4.25 -20.80
H353 B12 O . -3.09 4.38 -19.27
H361 B12 O . -2.62 7.02 -17.99
H362 B12 O . -3.61 5.83 -17.69
H363 B12 O . -3.09 6.74 -16.51
H371 B12 O . -2.53 3.49 -17.38
H372 B12 O . -1.30 3.47 -16.37
H401 B12 O . -4.61 3.71 -16.50
H402 B12 O . -4.93 3.98 -15.08
H8 B12 O . -0.89 5.66 -15.21
H411 B12 O . -1.34 7.91 -16.01
H412 B12 O . -0.10 7.76 -16.98
H421 B12 O . 0.26 7.44 -14.20
H422 B12 O . 1.38 7.76 -15.27
H451 B12 O . 0.51 10.62 -13.16
H452 B12 O . 0.65 9.19 -12.74
H10 B12 O . 1.63 5.31 -14.92
H461 B12 O . 4.32 3.20 -13.51
H462 B12 O . 2.85 3.78 -13.60
H463 B12 O . 3.27 2.54 -14.50
H471 B12 O . 4.35 6.43 -15.17
H472 B12 O . 3.62 5.90 -13.86
H473 B12 O . 5.18 5.67 -14.06
H13 B12 O . 5.18 2.73 -15.96
H481 B12 O . 7.23 3.75 -16.25
H482 B12 O . 6.71 4.50 -14.95
H491 B12 O . 6.97 5.54 -17.55
H492 B12 O . 5.81 6.13 -16.66
H521 B12 O . 8.95 7.97 -16.25
H522 B12 O . 8.32 7.46 -17.49
H531 B12 O . 6.44 1.65 -18.89
H532 B12 O . 7.35 2.93 -18.69
H533 B12 O . 6.64 2.25 -17.45
H541 B12 O . 5.06 1.49 -21.08
H542 B12 O . 5.98 1.83 -22.32
H543 B12 O . 6.59 1.81 -20.86
H551 B12 O . 7.34 3.99 -20.56
H552 B12 O . 7.20 4.12 -22.12
H561 B12 O . 6.17 6.16 -21.97
H562 B12 O . 5.79 5.94 -20.45
H59 B12 O . 8.15 7.05 -22.52
H18 B12 O . 4.62 4.89 -22.51
H601 B12 O . 4.48 2.26 -23.51
H602 B12 O . 3.44 3.33 -24.03
H621 B12 O . 6.09 1.98 -24.92
H622 B12 O . 6.79 3.03 -25.71
H1P1 B12 O . 9.46 8.82 -21.51
H1P2 B12 O . 9.76 7.78 -20.36
H2P B12 O . 11.53 8.11 -22.08
H3P1 B12 O . 10.69 5.68 -20.94
H3P2 B12 O . 12.12 6.35 -20.80
H3P3 B12 O . 11.75 5.55 -22.11
HOP5 B12 O . 10.22 9.95 -24.15
H3R B12 O . 13.11 7.60 -25.54
H2R B12 O . 15.09 8.62 -25.86
HOR7 B12 O . 13.98 10.08 -26.81
H1R B12 O . 16.20 9.45 -24.17
H4R B12 O . 13.53 6.96 -23.12
H5R1 B12 O . 15.31 5.68 -23.54
H5R2 B12 O . 15.91 6.70 -24.58
HOR8 B12 O . 14.75 5.84 -26.08
H2B B12 O . 12.93 10.95 -23.83
H4B B12 O . 14.91 14.25 -20.92
HM51 B12 O . 17.63 13.94 -19.09
HM52 B12 O . 16.84 15.11 -19.80
HM53 B12 O . 18.25 14.67 -20.35
HM61 B12 O . 19.38 11.33 -21.21
HM62 B12 O . 19.03 12.12 -19.89
HM63 B12 O . 19.49 12.91 -21.18
H7B B12 O . 17.48 10.56 -22.47
H91 B12 O . 2.84 2.89 -21.60
#